data_9EI5
#
_entry.id   9EI5
#
_cell.length_a   1.00
_cell.length_b   1.00
_cell.length_c   1.00
_cell.angle_alpha   90.00
_cell.angle_beta   90.00
_cell.angle_gamma   90.00
#
_symmetry.space_group_name_H-M   'P 1'
#
loop_
_entity.id
_entity.type
_entity.pdbx_description
1 polymer 'Prostaglandin D2 receptor,Soluble cytochrome b562'
2 polymer 'anti-BRIL Fab Heavy Chain'
3 polymer 'anti-Fab Nanobody synthetic construct'
4 polymer 'anti-BRIL Fab Light Chain'
#
loop_
_entity_poly.entity_id
_entity_poly.type
_entity_poly.pdbx_seq_one_letter_code
_entity_poly.pdbx_strand_id
1 'polypeptide(L)'
;MKTIIALSYIFCLVFADYKDDDDGAPMKSPFYRCQNTTSVEKGNSAVMGGVLFSTGLLGNLLALGLLARSGLGWCSRRPL
RPLPSVFYMLVCGLTVTDLLGKCLLSPVVLAAYAQNRSLRVLAPALDNSLCQAFAFFMSFFGLSSTLQLLAMALERWLSL
GHPFFYRRHITLRLGALVAPVVSAFSLAFCALPFMGFGKFVQYCPGTWCFIQMVHEEGSLSVLGYSVLYSSLMALLVLAT
VLCNLGAMRNLYAMHRRLQADLEDNWETLNDNLKVIEKADNAAQVKDALTKMRAAALDAQKATPPKLEDKSPDSPEMKDF
RHGFDILVGQIDDALKLANEGKVKEAQAAAEQLKTTRNAYIQKYLERARSTLLEELDALLLLALMTVLFTMCSLPVIYRA
YYGAFKDVKEKNRTSEEAEDLRALRFLSVISIVNPWIFIIFRSPVFRIFFHKIFIRPLRYRSRCSNSTNMESSLGRPLEV
LFQGPHHHHHHHHHH
;
A
2 'polypeptide(L)'
;EISEVQLVESGGGLVQPGGSLRLSCAASGFNVVDFSLHWVRQAPGKGLEWVAYISSSSGSTSYADSVKGRFTISADTSKN
TAYLQMNSLRAEDTAVYYCARWGYWPGEPWWKAFDYWGQGTLVTVSSASTKGPSVFPLAPSSKSTSGGTAALGCLVKDYF
PEPVTVSWNSGALTSGVHTFPAVLQSSGLYSLSSVVTVPSSSLGTQTYICNVNHKPSNTKVDKKVEPKS
;
H
3 'polypeptide(L)'
;GSQVQLQESGGGLVQPGGSLRLSCAASGRTISRYAMSWFRQAPGKEREFVAVARRSGDGAFYADSVQGRFTVSRDDAKNT
VYLQMNSLKPEDTAVYYCAIDSDTFYSGSYDYWGQGTQVTVSS
;
K
4 'polypeptide(L)'
;SDIQMTQSPSSLSASVGDRVTITCRASQSVSSAVAWYQQKPGKAPKLLIYSASSLYSGVPSRFSGSRSGTDFTLTISSLQ
PEDFATYYCQQYLYYSLVTFGQGTKVEIKRTVAAPSVFIFPPSDSQLKSGTASVVCLLNNFYPREAKVQWKVDNALQSGN
SQESVTEQDSKDSTYSLSSTLTLSKADYEKHKVYACEVTHQGLSSPVTKSFNRG
;
L
#
# COMPACT_ATOMS: atom_id res chain seq x y z
N MET A 27 13.46 68.08 33.29
CA MET A 27 12.04 68.38 33.15
C MET A 27 11.79 69.33 31.99
N LYS A 28 12.62 69.21 30.94
CA LYS A 28 12.49 70.05 29.75
C LYS A 28 12.87 69.20 28.55
N SER A 29 11.87 68.82 27.76
CA SER A 29 12.06 67.94 26.62
C SER A 29 11.14 68.39 25.50
N PRO A 30 11.57 68.32 24.24
CA PRO A 30 10.72 68.77 23.14
C PRO A 30 9.74 67.72 22.63
N PHE A 31 10.08 66.43 22.73
CA PHE A 31 9.25 65.41 22.13
C PHE A 31 8.11 64.98 23.04
N TYR A 32 8.35 64.92 24.34
CA TYR A 32 7.28 64.67 25.33
C TYR A 32 7.24 65.89 26.24
N ARG A 33 6.50 66.91 25.80
CA ARG A 33 6.41 68.17 26.54
C ARG A 33 5.39 68.10 27.67
N CYS A 34 4.65 67.01 27.80
CA CYS A 34 3.68 66.85 28.86
C CYS A 34 4.28 66.29 30.14
N GLN A 35 5.61 66.15 30.20
CA GLN A 35 6.25 65.46 31.30
C GLN A 35 6.03 66.20 32.62
N ASN A 36 6.21 67.51 32.63
CA ASN A 36 6.12 68.31 33.84
C ASN A 36 4.80 69.08 33.94
N THR A 37 3.91 68.92 32.96
CA THR A 37 2.68 69.70 32.90
C THR A 37 1.69 69.16 33.92
N THR A 38 1.39 69.97 34.95
CA THR A 38 0.43 69.60 35.98
C THR A 38 -0.96 70.15 35.72
N SER A 39 -1.16 70.86 34.61
CA SER A 39 -2.47 71.40 34.25
C SER A 39 -3.08 70.50 33.18
N VAL A 40 -4.20 69.88 33.52
CA VAL A 40 -4.85 68.93 32.61
C VAL A 40 -5.76 69.69 31.66
N GLU A 41 -6.12 69.03 30.57
CA GLU A 41 -7.00 69.61 29.56
C GLU A 41 -8.42 69.09 29.80
N LYS A 42 -9.39 70.02 29.76
CA LYS A 42 -10.77 69.68 30.08
C LYS A 42 -11.46 69.11 28.83
N GLY A 43 -11.04 67.90 28.47
CA GLY A 43 -11.64 67.18 27.36
C GLY A 43 -12.65 66.15 27.84
N ASN A 44 -13.04 65.27 26.91
CA ASN A 44 -13.98 64.21 27.20
C ASN A 44 -13.29 62.92 27.65
N SER A 45 -12.05 63.01 28.12
CA SER A 45 -11.32 61.82 28.54
C SER A 45 -11.95 61.20 29.79
N ALA A 46 -12.43 62.04 30.71
CA ALA A 46 -13.03 61.52 31.94
C ALA A 46 -14.32 60.74 31.64
N VAL A 47 -15.13 61.24 30.72
CA VAL A 47 -16.41 60.59 30.41
C VAL A 47 -16.17 59.22 29.78
N MET A 48 -15.28 59.14 28.80
CA MET A 48 -14.99 57.86 28.18
C MET A 48 -14.33 56.91 29.16
N GLY A 49 -13.43 57.42 30.01
CA GLY A 49 -12.82 56.58 31.02
C GLY A 49 -13.85 56.01 31.99
N GLY A 50 -14.79 56.84 32.43
CA GLY A 50 -15.81 56.39 33.36
C GLY A 50 -16.74 55.35 32.74
N VAL A 51 -17.20 55.61 31.51
CA VAL A 51 -18.12 54.67 30.90
C VAL A 51 -17.43 53.34 30.57
N LEU A 52 -16.16 53.39 30.16
CA LEU A 52 -15.45 52.14 29.87
C LEU A 52 -15.13 51.36 31.13
N PHE A 53 -14.78 52.05 32.23
CA PHE A 53 -14.59 51.34 33.49
C PHE A 53 -15.89 50.73 33.98
N SER A 54 -17.01 51.45 33.84
CA SER A 54 -18.29 50.90 34.25
C SER A 54 -18.64 49.65 33.44
N THR A 55 -18.43 49.71 32.13
CA THR A 55 -18.70 48.55 31.28
C THR A 55 -17.80 47.38 31.66
N GLY A 56 -16.52 47.64 31.90
CA GLY A 56 -15.61 46.56 32.27
C GLY A 56 -15.97 45.91 33.59
N LEU A 57 -16.32 46.73 34.59
CA LEU A 57 -16.69 46.17 35.88
C LEU A 57 -17.99 45.38 35.79
N LEU A 58 -18.97 45.88 35.02
CA LEU A 58 -20.22 45.16 34.83
C LEU A 58 -19.97 43.82 34.15
N GLY A 59 -19.12 43.81 33.13
CA GLY A 59 -18.79 42.56 32.46
C GLY A 59 -18.08 41.57 33.36
N ASN A 60 -17.12 42.06 34.16
CA ASN A 60 -16.41 41.18 35.08
C ASN A 60 -17.35 40.56 36.09
N LEU A 61 -18.24 41.37 36.68
CA LEU A 61 -19.16 40.87 37.69
C LEU A 61 -20.13 39.86 37.09
N LEU A 62 -20.68 40.17 35.91
CA LEU A 62 -21.62 39.27 35.27
C LEU A 62 -20.97 37.95 34.90
N ALA A 63 -19.75 38.00 34.36
CA ALA A 63 -19.05 36.77 33.99
C ALA A 63 -18.72 35.92 35.21
N LEU A 64 -18.25 36.55 36.30
CA LEU A 64 -17.94 35.76 37.48
C LEU A 64 -19.22 35.17 38.10
N GLY A 65 -20.33 35.91 38.04
CA GLY A 65 -21.58 35.36 38.53
C GLY A 65 -22.06 34.18 37.69
N LEU A 66 -21.90 34.26 36.37
CA LEU A 66 -22.29 33.17 35.50
C LEU A 66 -21.33 31.99 35.61
N LEU A 67 -20.10 32.23 36.07
CA LEU A 67 -19.11 31.16 36.19
C LEU A 67 -19.04 30.54 37.58
N ALA A 68 -19.60 31.18 38.60
CA ALA A 68 -19.46 30.68 39.97
C ALA A 68 -20.19 29.35 40.16
N ARG A 69 -21.42 29.23 39.66
CA ARG A 69 -22.25 28.09 40.00
C ARG A 69 -21.94 26.84 39.19
N SER A 70 -21.22 26.97 38.07
CA SER A 70 -20.85 25.78 37.31
C SER A 70 -19.69 25.04 37.99
N GLY A 71 -18.78 25.78 38.62
CA GLY A 71 -17.65 25.15 39.26
C GLY A 71 -17.94 24.67 40.67
N LEU A 72 -18.40 25.58 41.53
CA LEU A 72 -18.65 25.30 42.94
C LEU A 72 -17.42 24.73 43.64
N SER A 85 -12.82 20.08 34.18
CA SER A 85 -11.96 20.63 33.13
C SER A 85 -10.93 21.57 33.71
N VAL A 86 -9.66 21.35 33.33
CA VAL A 86 -8.61 22.31 33.67
C VAL A 86 -8.80 23.59 32.87
N PHE A 87 -9.38 23.47 31.67
CA PHE A 87 -9.60 24.62 30.79
C PHE A 87 -10.44 25.68 31.47
N TYR A 88 -11.59 25.29 32.03
CA TYR A 88 -12.50 26.29 32.56
C TYR A 88 -12.00 26.86 33.89
N MET A 89 -11.27 26.09 34.69
CA MET A 89 -10.69 26.70 35.88
C MET A 89 -9.59 27.69 35.52
N LEU A 90 -8.85 27.43 34.44
CA LEU A 90 -7.88 28.42 33.96
C LEU A 90 -8.58 29.69 33.50
N VAL A 91 -9.71 29.55 32.80
CA VAL A 91 -10.47 30.72 32.37
C VAL A 91 -10.98 31.51 33.57
N CYS A 92 -11.48 30.82 34.60
CA CYS A 92 -11.95 31.51 35.80
C CYS A 92 -10.82 32.26 36.49
N GLY A 93 -9.64 31.64 36.59
CA GLY A 93 -8.51 32.32 37.20
C GLY A 93 -8.10 33.57 36.43
N LEU A 94 -8.11 33.47 35.10
CA LEU A 94 -7.82 34.64 34.27
C LEU A 94 -8.80 35.77 34.53
N THR A 95 -10.10 35.43 34.59
CA THR A 95 -11.12 36.46 34.82
C THR A 95 -10.98 37.10 36.19
N VAL A 96 -10.65 36.31 37.21
CA VAL A 96 -10.46 36.85 38.55
C VAL A 96 -9.27 37.82 38.57
N THR A 97 -8.16 37.44 37.93
CA THR A 97 -7.01 38.34 37.88
C THR A 97 -7.34 39.65 37.17
N ASP A 98 -8.07 39.57 36.06
CA ASP A 98 -8.47 40.77 35.34
C ASP A 98 -9.35 41.68 36.21
N LEU A 99 -10.32 41.08 36.91
CA LEU A 99 -11.23 41.87 37.73
C LEU A 99 -10.48 42.56 38.87
N LEU A 100 -9.56 41.83 39.51
CA LEU A 100 -8.78 42.42 40.59
C LEU A 100 -7.94 43.60 40.08
N GLY A 101 -7.34 43.45 38.91
CA GLY A 101 -6.53 44.53 38.36
C GLY A 101 -7.34 45.77 38.03
N LYS A 102 -8.49 45.58 37.36
CA LYS A 102 -9.34 46.72 37.02
C LYS A 102 -9.82 47.43 38.28
N CYS A 103 -10.26 46.66 39.29
CA CYS A 103 -10.74 47.26 40.52
C CYS A 103 -9.64 47.97 41.27
N LEU A 104 -8.39 47.52 41.14
CA LEU A 104 -7.31 48.21 41.84
C LEU A 104 -6.93 49.51 41.13
N LEU A 105 -6.89 49.52 39.80
CA LEU A 105 -6.36 50.71 39.12
C LEU A 105 -7.39 51.81 38.90
N SER A 106 -8.69 51.49 38.84
CA SER A 106 -9.67 52.54 38.54
C SER A 106 -9.75 53.65 39.59
N PRO A 107 -9.84 53.39 40.90
CA PRO A 107 -10.01 54.50 41.85
C PRO A 107 -8.85 55.48 41.89
N VAL A 108 -7.63 55.06 41.57
CA VAL A 108 -6.49 55.98 41.59
C VAL A 108 -6.67 57.07 40.53
N VAL A 109 -7.03 56.67 39.31
CA VAL A 109 -7.29 57.64 38.26
C VAL A 109 -8.53 58.46 38.59
N LEU A 110 -9.54 57.83 39.21
CA LEU A 110 -10.72 58.59 39.62
C LEU A 110 -10.36 59.69 40.61
N ALA A 111 -9.52 59.39 41.60
CA ALA A 111 -9.13 60.38 42.59
C ALA A 111 -8.21 61.44 42.00
N ALA A 112 -7.34 61.06 41.06
CA ALA A 112 -6.49 62.04 40.40
C ALA A 112 -7.32 63.03 39.60
N TYR A 113 -8.35 62.55 38.91
CA TYR A 113 -9.23 63.47 38.20
C TYR A 113 -10.14 64.23 39.16
N ALA A 114 -10.38 63.71 40.37
CA ALA A 114 -11.29 64.35 41.30
C ALA A 114 -10.79 65.73 41.71
N GLN A 115 -9.48 65.87 41.89
CA GLN A 115 -8.88 67.14 42.25
C GLN A 115 -8.58 68.02 41.04
N ASN A 116 -8.91 67.54 39.83
CA ASN A 116 -8.76 68.30 38.58
C ASN A 116 -7.31 68.72 38.34
N ARG A 117 -6.36 67.89 38.78
CA ARG A 117 -4.95 68.14 38.56
C ARG A 117 -4.31 66.91 37.93
N SER A 118 -2.98 66.89 37.81
CA SER A 118 -2.29 65.80 37.15
C SER A 118 -1.94 64.70 38.15
N LEU A 119 -1.40 63.61 37.61
CA LEU A 119 -0.90 62.50 38.41
C LEU A 119 0.53 62.72 38.90
N ARG A 120 1.15 63.83 38.50
CA ARG A 120 2.50 64.13 38.95
C ARG A 120 2.56 64.28 40.46
N VAL A 121 1.60 65.01 41.03
CA VAL A 121 1.51 65.18 42.47
C VAL A 121 0.03 65.23 42.85
N LEU A 122 -0.36 64.44 43.84
CA LEU A 122 -1.67 64.47 44.45
C LEU A 122 -1.60 64.69 45.95
N ALA A 123 -0.60 64.09 46.60
CA ALA A 123 -0.27 64.30 47.99
C ALA A 123 1.15 64.83 48.10
N PRO A 124 1.41 65.72 49.07
CA PRO A 124 2.77 66.26 49.23
C PRO A 124 3.81 65.20 49.54
N ALA A 125 3.45 64.15 50.27
CA ALA A 125 4.40 63.13 50.67
C ALA A 125 4.55 61.99 49.66
N LEU A 126 3.74 61.98 48.60
CA LEU A 126 3.74 60.90 47.63
C LEU A 126 4.05 61.41 46.23
N ASP A 127 5.05 62.29 46.12
CA ASP A 127 5.37 62.90 44.83
C ASP A 127 6.00 61.90 43.87
N ASN A 128 5.50 61.91 42.64
CA ASN A 128 5.99 61.10 41.52
C ASN A 128 5.92 59.60 41.77
N SER A 129 5.20 59.16 42.80
CA SER A 129 5.04 57.74 43.07
C SER A 129 3.75 57.18 42.47
N LEU A 130 2.74 58.03 42.29
CA LEU A 130 1.51 57.59 41.65
C LEU A 130 1.78 57.13 40.23
N CYS A 131 2.63 57.88 39.51
CA CYS A 131 2.98 57.52 38.14
C CYS A 131 3.66 56.16 38.10
N GLN A 132 4.65 55.96 38.98
CA GLN A 132 5.39 54.71 39.01
C GLN A 132 4.49 53.54 39.34
N ALA A 133 3.61 53.70 40.34
CA ALA A 133 2.69 52.63 40.70
C ALA A 133 1.75 52.29 39.56
N PHE A 134 1.20 53.33 38.92
CA PHE A 134 0.28 53.12 37.81
C PHE A 134 0.94 52.34 36.67
N ALA A 135 2.13 52.77 36.26
CA ALA A 135 2.82 52.10 35.15
C ALA A 135 3.21 50.68 35.52
N PHE A 136 3.72 50.48 36.74
CA PHE A 136 4.15 49.16 37.17
C PHE A 136 2.99 48.19 37.16
N PHE A 137 1.85 48.58 37.74
CA PHE A 137 0.70 47.69 37.77
C PHE A 137 0.16 47.42 36.37
N MET A 138 0.15 48.44 35.51
CA MET A 138 -0.40 48.24 34.18
C MET A 138 0.43 47.23 33.38
N SER A 139 1.76 47.38 33.42
CA SER A 139 2.63 46.43 32.72
C SER A 139 2.52 45.04 33.33
N PHE A 140 2.43 44.97 34.67
CA PHE A 140 2.33 43.69 35.37
C PHE A 140 1.08 42.92 34.93
N PHE A 141 -0.06 43.60 34.88
CA PHE A 141 -1.29 42.91 34.50
C PHE A 141 -1.28 42.52 33.03
N GLY A 142 -0.70 43.36 32.17
CA GLY A 142 -0.61 42.99 30.77
C GLY A 142 0.19 41.71 30.55
N LEU A 143 1.37 41.63 31.18
CA LEU A 143 2.20 40.45 31.00
C LEU A 143 1.57 39.21 31.61
N SER A 144 0.94 39.36 32.79
CA SER A 144 0.29 38.20 33.41
C SER A 144 -0.83 37.66 32.54
N SER A 145 -1.64 38.56 31.96
CA SER A 145 -2.73 38.11 31.11
C SER A 145 -2.22 37.37 29.88
N THR A 146 -1.16 37.88 29.25
CA THR A 146 -0.61 37.19 28.08
C THR A 146 -0.07 35.80 28.44
N LEU A 147 0.65 35.70 29.56
CA LEU A 147 1.21 34.40 29.95
C LEU A 147 0.12 33.40 30.25
N GLN A 148 -0.95 33.83 30.92
CA GLN A 148 -2.03 32.89 31.23
C GLN A 148 -2.74 32.43 29.96
N LEU A 149 -2.94 33.32 28.98
CA LEU A 149 -3.52 32.88 27.70
C LEU A 149 -2.61 31.86 27.01
N LEU A 150 -1.29 32.06 27.07
CA LEU A 150 -0.38 31.11 26.45
C LEU A 150 -0.47 29.75 27.12
N ALA A 151 -0.49 29.72 28.45
CA ALA A 151 -0.58 28.45 29.18
C ALA A 151 -1.89 27.74 28.87
N MET A 152 -2.98 28.49 28.76
CA MET A 152 -4.27 27.92 28.38
C MET A 152 -4.18 27.22 27.03
N ALA A 153 -3.61 27.90 26.04
CA ALA A 153 -3.53 27.33 24.69
C ALA A 153 -2.61 26.12 24.66
N LEU A 154 -1.49 26.19 25.37
CA LEU A 154 -0.54 25.08 25.39
C LEU A 154 -1.18 23.85 26.03
N GLU A 155 -1.89 24.03 27.14
CA GLU A 155 -2.59 22.91 27.77
C GLU A 155 -3.63 22.30 26.85
N ARG A 156 -4.39 23.14 26.14
CA ARG A 156 -5.43 22.62 25.26
C ARG A 156 -4.83 21.78 24.14
N TRP A 157 -3.78 22.29 23.49
CA TRP A 157 -3.13 21.53 22.41
C TRP A 157 -2.52 20.24 22.94
N LEU A 158 -1.89 20.30 24.11
CA LEU A 158 -1.27 19.09 24.66
C LEU A 158 -2.30 18.02 24.98
N SER A 159 -3.43 18.40 25.59
CA SER A 159 -4.45 17.42 25.92
C SER A 159 -5.06 16.81 24.67
N LEU A 160 -5.28 17.62 23.64
CA LEU A 160 -5.81 17.06 22.40
C LEU A 160 -4.77 16.25 21.63
N GLY A 161 -3.48 16.44 21.92
CA GLY A 161 -2.43 15.81 21.13
C GLY A 161 -1.65 14.67 21.76
N HIS A 162 -1.34 14.77 23.05
CA HIS A 162 -0.54 13.77 23.76
C HIS A 162 -1.35 13.23 24.92
N PRO A 163 -2.22 12.24 24.70
CA PRO A 163 -3.04 11.76 25.81
C PRO A 163 -2.24 11.08 26.90
N PHE A 164 -1.17 10.37 26.52
CA PHE A 164 -0.32 9.69 27.50
C PHE A 164 0.30 10.69 28.46
N PHE A 165 0.88 11.76 27.92
CA PHE A 165 1.42 12.81 28.77
C PHE A 165 0.32 13.60 29.45
N TYR A 166 -0.89 13.58 28.87
CA TYR A 166 -2.00 14.30 29.50
C TYR A 166 -2.39 13.65 30.83
N ARG A 167 -2.60 12.34 30.84
CA ARG A 167 -2.95 11.72 32.11
C ARG A 167 -1.75 11.26 32.91
N ARG A 168 -0.54 11.34 32.34
CA ARG A 168 0.63 10.85 33.06
C ARG A 168 1.08 11.80 34.16
N HIS A 169 1.14 13.10 33.88
CA HIS A 169 1.86 14.03 34.75
C HIS A 169 0.96 15.03 35.47
N ILE A 170 0.16 15.79 34.74
CA ILE A 170 -0.51 16.94 35.33
C ILE A 170 -1.73 16.49 36.13
N THR A 171 -1.96 17.20 37.23
CA THR A 171 -3.17 17.04 38.03
C THR A 171 -3.80 18.41 38.23
N LEU A 172 -5.09 18.41 38.58
CA LEU A 172 -5.79 19.67 38.79
C LEU A 172 -5.22 20.44 39.96
N ARG A 173 -4.78 19.76 41.02
CA ARG A 173 -4.10 20.43 42.12
C ARG A 173 -2.78 21.03 41.65
N LEU A 174 -2.06 20.33 40.78
CA LEU A 174 -0.84 20.90 40.21
C LEU A 174 -1.15 22.01 39.21
N GLY A 175 -2.29 21.94 38.53
CA GLY A 175 -2.66 22.96 37.58
C GLY A 175 -3.28 24.20 38.19
N ALA A 176 -3.69 24.13 39.45
CA ALA A 176 -4.31 25.28 40.10
C ALA A 176 -3.29 26.35 40.50
N LEU A 177 -2.01 26.00 40.59
CA LEU A 177 -1.00 26.90 41.09
C LEU A 177 -0.24 27.64 39.98
N VAL A 178 -0.70 27.53 38.72
CA VAL A 178 -0.02 28.23 37.64
C VAL A 178 -0.24 29.73 37.74
N ALA A 179 -1.44 30.16 38.14
CA ALA A 179 -1.72 31.59 38.23
C ALA A 179 -0.85 32.30 39.27
N PRO A 180 -0.60 31.78 40.48
CA PRO A 180 0.45 32.39 41.31
C PRO A 180 1.82 32.39 40.66
N VAL A 181 2.16 31.33 39.91
CA VAL A 181 3.47 31.27 39.27
C VAL A 181 3.59 32.35 38.20
N VAL A 182 2.57 32.50 37.37
CA VAL A 182 2.56 33.53 36.33
C VAL A 182 2.59 34.92 36.95
N SER A 183 1.81 35.13 38.02
CA SER A 183 1.80 36.42 38.69
C SER A 183 3.16 36.74 39.28
N ALA A 184 3.82 35.76 39.89
CA ALA A 184 5.14 35.98 40.47
C ALA A 184 6.16 36.31 39.38
N PHE A 185 6.11 35.60 38.24
CA PHE A 185 7.04 35.91 37.17
C PHE A 185 6.79 37.30 36.59
N SER A 186 5.53 37.69 36.45
CA SER A 186 5.22 39.03 35.96
C SER A 186 5.71 40.09 36.94
N LEU A 187 5.57 39.84 38.24
CA LEU A 187 6.10 40.74 39.25
C LEU A 187 7.62 40.85 39.14
N ALA A 188 8.29 39.73 38.92
CA ALA A 188 9.74 39.74 38.79
C ALA A 188 10.18 40.52 37.55
N PHE A 189 9.47 40.34 36.43
CA PHE A 189 9.87 41.01 35.20
C PHE A 189 9.59 42.50 35.24
N CYS A 190 8.47 42.90 35.85
CA CYS A 190 8.11 44.32 35.87
C CYS A 190 8.76 45.10 37.00
N ALA A 191 9.46 44.44 37.92
CA ALA A 191 10.24 45.14 38.94
C ALA A 191 11.61 45.56 38.43
N LEU A 192 11.98 45.13 37.22
CA LEU A 192 13.25 45.54 36.63
C LEU A 192 13.42 47.05 36.44
N PRO A 193 12.40 47.83 36.03
CA PRO A 193 12.60 49.29 35.97
C PRO A 193 12.97 49.94 37.30
N PHE A 194 12.50 49.38 38.43
CA PHE A 194 12.94 49.90 39.72
C PHE A 194 14.41 49.63 39.99
N MET A 195 15.00 48.63 39.33
CA MET A 195 16.43 48.39 39.50
C MET A 195 17.27 49.47 38.86
N GLY A 196 16.78 50.08 37.78
CA GLY A 196 17.47 51.16 37.10
C GLY A 196 17.68 50.95 35.62
N PHE A 197 17.34 49.78 35.07
CA PHE A 197 17.53 49.54 33.64
C PHE A 197 16.47 50.25 32.79
N GLY A 198 15.29 50.51 33.35
CA GLY A 198 14.27 51.23 32.63
C GLY A 198 13.63 52.29 33.53
N LYS A 199 12.80 53.13 32.91
CA LYS A 199 12.13 54.17 33.67
C LYS A 199 10.80 54.52 33.01
N PHE A 200 9.89 55.03 33.83
CA PHE A 200 8.53 55.38 33.43
C PHE A 200 8.40 56.89 33.29
N VAL A 201 7.51 57.30 32.38
CA VAL A 201 7.26 58.71 32.12
C VAL A 201 5.74 58.91 32.06
N GLN A 202 5.33 60.15 32.33
CA GLN A 202 3.91 60.50 32.36
C GLN A 202 3.47 60.92 30.97
N TYR A 203 2.32 60.43 30.56
CA TYR A 203 1.69 60.80 29.30
C TYR A 203 0.47 61.67 29.59
N CYS A 204 0.37 62.79 28.88
CA CYS A 204 -0.73 63.73 29.04
C CYS A 204 -2.02 63.14 28.49
N PRO A 205 -3.18 63.61 28.96
CA PRO A 205 -3.40 64.69 29.95
C PRO A 205 -3.41 64.21 31.39
N GLY A 206 -2.36 64.54 32.14
CA GLY A 206 -2.34 64.43 33.58
C GLY A 206 -2.61 63.07 34.20
N THR A 207 -2.83 62.05 33.38
CA THR A 207 -3.35 60.79 33.89
C THR A 207 -2.51 59.59 33.53
N TRP A 208 -1.96 59.52 32.32
CA TRP A 208 -1.34 58.26 31.92
C TRP A 208 0.08 58.18 32.46
N CYS A 209 0.53 56.96 32.72
CA CYS A 209 1.94 56.72 33.00
C CYS A 209 2.34 55.43 32.32
N PHE A 210 3.48 55.45 31.65
CA PHE A 210 3.80 54.36 30.73
C PHE A 210 5.33 54.31 30.58
N ILE A 211 5.79 53.41 29.73
CA ILE A 211 7.22 53.19 29.52
C ILE A 211 7.76 54.25 28.56
N GLN A 212 8.90 54.84 28.93
CA GLN A 212 9.59 55.76 28.04
C GLN A 212 10.05 55.03 26.78
N MET A 213 9.88 55.67 25.63
CA MET A 213 10.03 55.00 24.34
C MET A 213 11.25 55.44 23.57
N VAL A 214 11.43 56.73 23.32
CA VAL A 214 12.46 57.20 22.40
C VAL A 214 13.70 57.70 23.13
N HIS A 215 13.53 58.49 24.19
CA HIS A 215 14.63 59.04 25.00
C HIS A 215 15.69 59.72 24.11
N GLU A 216 15.23 60.65 23.27
CA GLU A 216 16.03 61.52 22.41
C GLU A 216 17.19 60.81 21.70
N GLU A 217 16.95 59.56 21.28
CA GLU A 217 17.93 58.75 20.57
C GLU A 217 19.22 58.61 21.39
N GLY A 218 19.05 58.32 22.68
CA GLY A 218 20.17 58.40 23.60
C GLY A 218 20.72 57.08 24.08
N SER A 219 20.54 56.80 25.37
CA SER A 219 21.19 55.67 26.01
C SER A 219 20.62 54.34 25.51
N LEU A 220 21.41 53.29 25.68
CA LEU A 220 21.02 51.93 25.32
C LEU A 220 20.18 51.25 26.39
N SER A 221 19.97 51.91 27.53
CA SER A 221 19.23 51.28 28.62
C SER A 221 17.73 51.28 28.36
N VAL A 222 17.17 52.48 28.15
CA VAL A 222 15.72 52.61 27.96
C VAL A 222 15.28 51.92 26.68
N LEU A 223 16.04 52.12 25.60
CA LEU A 223 15.72 51.47 24.34
C LEU A 223 15.85 49.96 24.47
N GLY A 224 16.85 49.49 25.21
CA GLY A 224 16.97 48.06 25.45
C GLY A 224 15.78 47.49 26.19
N TYR A 225 15.30 48.21 27.21
CA TYR A 225 14.13 47.75 27.95
C TYR A 225 12.89 47.70 27.05
N SER A 226 12.67 48.75 26.26
CA SER A 226 11.50 48.77 25.38
C SER A 226 11.54 47.65 24.35
N VAL A 227 12.70 47.44 23.73
CA VAL A 227 12.82 46.41 22.71
C VAL A 227 12.66 45.02 23.33
N LEU A 228 13.24 44.81 24.53
CA LEU A 228 13.07 43.53 25.21
C LEU A 228 11.60 43.24 25.52
N TYR A 229 10.88 44.24 26.02
CA TYR A 229 9.47 44.08 26.35
C TYR A 229 8.66 43.71 25.12
N SER A 230 8.79 44.51 24.04
CA SER A 230 8.00 44.24 22.85
C SER A 230 8.41 42.92 22.19
N SER A 231 9.69 42.55 22.29
CA SER A 231 10.15 41.26 21.77
C SER A 231 9.52 40.10 22.51
N LEU A 232 9.45 40.19 23.85
CA LEU A 232 8.80 39.14 24.63
C LEU A 232 7.32 39.00 24.24
N MET A 233 6.64 40.13 24.08
CA MET A 233 5.23 40.07 23.65
C MET A 233 5.09 39.44 22.27
N ALA A 234 6.01 39.76 21.35
CA ALA A 234 5.97 39.16 20.02
C ALA A 234 6.18 37.65 20.07
N LEU A 235 7.14 37.20 20.88
CA LEU A 235 7.37 35.75 21.00
C LEU A 235 6.14 35.05 21.57
N LEU A 236 5.51 35.64 22.60
CA LEU A 236 4.33 35.03 23.18
C LEU A 236 3.18 34.95 22.18
N VAL A 237 2.98 36.02 21.40
CA VAL A 237 1.91 36.02 20.42
C VAL A 237 2.15 34.93 19.37
N LEU A 238 3.39 34.82 18.89
CA LEU A 238 3.69 33.79 17.89
C LEU A 238 3.50 32.39 18.44
N ALA A 239 3.92 32.15 19.68
CA ALA A 239 3.76 30.83 20.28
C ALA A 239 2.27 30.48 20.44
N THR A 240 1.45 31.45 20.86
CA THR A 240 0.02 31.22 20.99
C THR A 240 -0.59 30.83 19.65
N VAL A 241 -0.21 31.54 18.58
CA VAL A 241 -0.77 31.22 17.27
C VAL A 241 -0.34 29.83 16.81
N LEU A 242 0.91 29.46 17.07
CA LEU A 242 1.39 28.14 16.68
C LEU A 242 0.63 27.03 17.41
N CYS A 243 0.40 27.20 18.72
CA CYS A 243 -0.34 26.19 19.47
C CYS A 243 -1.78 26.08 18.97
N ASN A 244 -2.40 27.21 18.62
CA ASN A 244 -3.75 27.17 18.06
C ASN A 244 -3.79 26.36 16.77
N LEU A 245 -2.82 26.57 15.88
CA LEU A 245 -2.81 25.85 14.61
C LEU A 245 -2.58 24.35 14.81
N GLY A 246 -1.68 23.99 15.73
CA GLY A 246 -1.45 22.58 16.01
C GLY A 246 -2.67 21.88 16.58
N ALA A 247 -3.37 22.54 17.50
CA ALA A 247 -4.61 21.98 18.04
C ALA A 247 -5.66 21.81 16.96
N MET A 248 -5.81 22.79 16.07
CA MET A 248 -6.80 22.66 15.02
C MET A 248 -6.50 21.49 14.11
N ARG A 249 -5.23 21.29 13.77
CA ARG A 249 -4.90 20.16 12.89
C ARG A 249 -5.15 18.81 13.57
N ASN A 250 -4.80 18.69 14.85
CA ASN A 250 -5.06 17.43 15.54
C ASN A 250 -6.56 17.13 15.66
N LEU A 251 -7.36 18.15 15.93
CA LEU A 251 -8.81 17.94 16.00
C LEU A 251 -9.37 17.54 14.64
N TYR A 252 -8.87 18.15 13.56
CA TYR A 252 -9.32 17.76 12.23
C TYR A 252 -8.95 16.31 11.93
N ALA A 253 -7.76 15.88 12.36
CA ALA A 253 -7.35 14.49 12.16
C ALA A 253 -8.26 13.52 12.90
N MET A 254 -8.60 13.85 14.16
CA MET A 254 -9.51 13.00 14.93
C MET A 254 -10.88 12.92 14.28
N HIS A 255 -11.38 14.05 13.77
CA HIS A 255 -12.67 14.05 13.09
C HIS A 255 -12.66 13.15 11.85
N ARG A 256 -11.60 13.24 11.05
CA ARG A 256 -11.51 12.41 9.84
C ARG A 256 -11.44 10.93 10.19
N ARG A 257 -10.60 10.58 11.15
CA ARG A 257 -10.44 9.19 11.56
C ARG A 257 -11.74 8.62 12.07
N LEU A 258 -12.42 9.35 12.95
CA LEU A 258 -13.69 8.87 13.49
C LEU A 258 -14.70 8.64 12.38
N GLN A 259 -14.85 9.61 11.47
CA GLN A 259 -15.84 9.47 10.42
C GLN A 259 -15.56 8.27 9.53
N ALA A 260 -14.32 8.15 9.04
CA ALA A 260 -14.00 7.04 8.15
C ALA A 260 -14.15 5.69 8.83
N ASP A 261 -13.73 5.58 10.10
CA ASP A 261 -13.74 4.28 10.76
C ASP A 261 -15.14 3.82 11.13
N LEU A 262 -16.03 4.74 11.52
CA LEU A 262 -17.32 4.30 12.06
C LEU A 262 -18.53 4.70 11.24
N GLU A 263 -18.59 5.94 10.73
CA GLU A 263 -19.87 6.40 10.19
C GLU A 263 -20.18 5.82 8.83
N ASP A 264 -19.18 5.63 7.97
CA ASP A 264 -19.41 5.00 6.68
C ASP A 264 -19.87 3.55 6.85
N ASN A 265 -19.22 2.81 7.75
CA ASN A 265 -19.61 1.42 8.01
C ASN A 265 -21.02 1.34 8.58
N TRP A 266 -21.36 2.25 9.50
CA TRP A 266 -22.72 2.32 10.03
C TRP A 266 -23.74 2.59 8.93
N GLU A 267 -23.42 3.51 8.01
CA GLU A 267 -24.38 3.85 6.97
C GLU A 267 -24.55 2.75 5.94
N THR A 268 -23.47 2.03 5.59
CA THR A 268 -23.65 0.92 4.67
C THR A 268 -24.41 -0.24 5.33
N LEU A 269 -24.20 -0.49 6.62
CA LEU A 269 -25.07 -1.41 7.34
C LEU A 269 -26.54 -1.02 7.22
N ASN A 270 -26.86 0.25 7.50
CA ASN A 270 -28.26 0.67 7.50
C ASN A 270 -28.86 0.64 6.09
N ASP A 271 -28.09 1.04 5.09
CA ASP A 271 -28.59 1.03 3.72
C ASP A 271 -28.85 -0.40 3.25
N ASN A 272 -27.97 -1.34 3.57
CA ASN A 272 -28.21 -2.70 3.10
C ASN A 272 -29.33 -3.37 3.88
N LEU A 273 -29.55 -2.98 5.14
CA LEU A 273 -30.76 -3.41 5.84
C LEU A 273 -32.01 -2.94 5.11
N LYS A 274 -32.01 -1.68 4.64
CA LYS A 274 -33.16 -1.22 3.86
C LYS A 274 -33.32 -2.02 2.56
N VAL A 275 -32.20 -2.32 1.91
CA VAL A 275 -32.25 -3.07 0.65
C VAL A 275 -32.84 -4.45 0.87
N ILE A 276 -32.44 -5.13 1.93
CA ILE A 276 -33.03 -6.44 2.23
C ILE A 276 -34.51 -6.31 2.54
N GLU A 277 -34.89 -5.31 3.32
CA GLU A 277 -36.31 -5.12 3.63
C GLU A 277 -37.14 -4.90 2.36
N LYS A 278 -36.55 -4.30 1.33
CA LYS A 278 -37.19 -4.19 0.03
C LYS A 278 -36.98 -5.42 -0.86
N ALA A 279 -35.94 -6.23 -0.60
CA ALA A 279 -35.52 -7.27 -1.52
C ALA A 279 -36.57 -8.37 -1.66
N ASP A 280 -36.45 -9.14 -2.74
CA ASP A 280 -37.41 -10.19 -3.06
C ASP A 280 -36.78 -11.51 -3.52
N ASN A 281 -35.51 -11.52 -3.90
CA ASN A 281 -34.86 -12.72 -4.43
C ASN A 281 -33.66 -13.08 -3.56
N ALA A 282 -33.35 -14.38 -3.53
CA ALA A 282 -32.32 -14.86 -2.60
C ALA A 282 -30.94 -14.36 -2.98
N ALA A 283 -30.65 -14.19 -4.27
CA ALA A 283 -29.33 -13.76 -4.69
C ALA A 283 -29.03 -12.35 -4.19
N GLN A 284 -30.02 -11.47 -4.26
CA GLN A 284 -29.85 -10.11 -3.77
C GLN A 284 -29.62 -10.08 -2.27
N VAL A 285 -30.32 -10.95 -1.54
CA VAL A 285 -30.16 -11.03 -0.09
C VAL A 285 -28.75 -11.49 0.25
N LYS A 286 -28.25 -12.51 -0.46
CA LYS A 286 -26.89 -12.97 -0.21
C LYS A 286 -25.86 -11.89 -0.51
N ASP A 287 -26.07 -11.15 -1.60
CA ASP A 287 -25.17 -10.05 -1.95
C ASP A 287 -25.14 -8.95 -0.88
N ALA A 288 -26.33 -8.55 -0.43
CA ALA A 288 -26.42 -7.53 0.61
C ALA A 288 -25.77 -7.98 1.90
N LEU A 289 -25.95 -9.25 2.26
CA LEU A 289 -25.38 -9.76 3.51
C LEU A 289 -23.85 -9.88 3.42
N THR A 290 -23.30 -10.16 2.24
CA THR A 290 -21.86 -10.08 2.07
C THR A 290 -21.35 -8.65 2.30
N LYS A 291 -22.09 -7.66 1.76
CA LYS A 291 -21.70 -6.28 2.01
C LYS A 291 -21.76 -5.92 3.49
N MET A 292 -22.82 -6.33 4.19
CA MET A 292 -22.91 -6.07 5.63
C MET A 292 -21.79 -6.76 6.40
N ARG A 293 -21.43 -7.98 6.01
CA ARG A 293 -20.38 -8.69 6.71
C ARG A 293 -19.05 -7.94 6.62
N ALA A 294 -18.73 -7.45 5.42
CA ALA A 294 -17.53 -6.64 5.26
C ALA A 294 -17.57 -5.38 6.12
N ALA A 295 -18.73 -4.70 6.11
CA ALA A 295 -18.88 -3.47 6.90
C ALA A 295 -18.75 -3.71 8.39
N ALA A 296 -19.36 -4.78 8.91
CA ALA A 296 -19.30 -5.06 10.35
C ALA A 296 -17.92 -5.48 10.79
N LEU A 297 -17.19 -6.22 9.97
CA LEU A 297 -15.82 -6.61 10.31
C LEU A 297 -14.91 -5.39 10.36
N ASP A 298 -15.02 -4.51 9.34
CA ASP A 298 -14.28 -3.25 9.37
C ASP A 298 -14.63 -2.39 10.57
N ALA A 299 -15.92 -2.31 10.91
CA ALA A 299 -16.36 -1.47 12.02
C ALA A 299 -15.89 -2.02 13.36
N GLN A 300 -15.87 -3.35 13.51
CA GLN A 300 -15.30 -3.94 14.72
C GLN A 300 -13.82 -3.61 14.84
N LYS A 301 -13.15 -3.30 13.74
CA LYS A 301 -11.77 -2.85 13.88
C LYS A 301 -11.62 -1.42 14.42
N ALA A 302 -12.69 -0.64 14.56
CA ALA A 302 -12.58 0.79 14.81
C ALA A 302 -12.28 1.10 16.27
N THR A 303 -12.16 2.40 16.58
CA THR A 303 -11.81 2.91 17.91
C THR A 303 -12.55 4.21 18.20
N PRO A 304 -13.21 4.33 19.35
CA PRO A 304 -13.90 5.58 19.71
C PRO A 304 -12.92 6.66 20.12
N PRO A 305 -13.33 7.95 20.03
CA PRO A 305 -12.37 9.04 20.32
C PRO A 305 -11.94 9.11 21.77
N LYS A 306 -12.83 8.82 22.72
CA LYS A 306 -12.39 8.70 24.09
C LYS A 306 -11.64 7.38 24.27
N LEU A 307 -10.88 7.31 25.37
CA LEU A 307 -10.11 6.13 25.77
C LEU A 307 -9.22 5.60 24.66
N GLU A 308 -8.71 6.50 23.81
CA GLU A 308 -7.70 6.09 22.84
C GLU A 308 -6.40 5.69 23.51
N ASP A 309 -6.15 6.20 24.72
CA ASP A 309 -5.01 5.74 25.51
C ASP A 309 -5.24 4.36 26.11
N LYS A 310 -6.49 3.92 26.23
CA LYS A 310 -6.80 2.68 26.93
C LYS A 310 -6.35 1.46 26.13
N SER A 311 -5.96 0.42 26.87
CA SER A 311 -5.56 -0.83 26.26
C SER A 311 -6.76 -1.50 25.59
N PRO A 312 -6.53 -2.33 24.58
CA PRO A 312 -7.63 -3.08 23.97
C PRO A 312 -8.29 -4.08 24.90
N ASP A 313 -7.70 -4.37 26.06
CA ASP A 313 -8.29 -5.25 27.05
C ASP A 313 -9.12 -4.50 28.10
N SER A 314 -9.28 -3.20 27.96
CA SER A 314 -10.16 -2.47 28.86
C SER A 314 -11.61 -2.91 28.65
N PRO A 315 -12.41 -2.93 29.72
CA PRO A 315 -13.76 -3.53 29.61
C PRO A 315 -14.67 -2.87 28.58
N GLU A 316 -14.56 -1.56 28.39
CA GLU A 316 -15.38 -0.89 27.39
C GLU A 316 -15.04 -1.38 25.99
N MET A 317 -13.76 -1.57 25.72
CA MET A 317 -13.36 -2.11 24.42
C MET A 317 -13.87 -3.53 24.22
N LYS A 318 -13.84 -4.33 25.28
CA LYS A 318 -14.35 -5.70 25.17
C LYS A 318 -15.86 -5.71 24.97
N ASP A 319 -16.57 -4.74 25.53
CA ASP A 319 -18.02 -4.66 25.29
C ASP A 319 -18.33 -4.24 23.85
N PHE A 320 -17.57 -3.28 23.32
CA PHE A 320 -17.64 -2.96 21.89
C PHE A 320 -17.47 -4.21 21.02
N ARG A 321 -16.39 -4.95 21.31
CA ARG A 321 -16.09 -6.13 20.50
C ARG A 321 -17.16 -7.21 20.66
N HIS A 322 -17.66 -7.40 21.87
CA HIS A 322 -18.69 -8.41 22.12
C HIS A 322 -19.96 -8.12 21.34
N GLY A 323 -20.36 -6.85 21.31
CA GLY A 323 -21.53 -6.49 20.53
C GLY A 323 -21.36 -6.82 19.06
N PHE A 324 -20.17 -6.54 18.52
CA PHE A 324 -19.98 -6.85 17.10
C PHE A 324 -19.88 -8.35 16.83
N ASP A 325 -19.41 -9.13 17.80
CA ASP A 325 -19.42 -10.58 17.67
C ASP A 325 -20.83 -11.14 17.58
N ILE A 326 -21.73 -10.65 18.43
CA ILE A 326 -23.13 -11.12 18.36
C ILE A 326 -23.78 -10.74 17.03
N LEU A 327 -23.55 -9.52 16.57
CA LEU A 327 -24.08 -9.10 15.27
C LEU A 327 -23.54 -9.95 14.12
N VAL A 328 -22.23 -10.28 14.15
CA VAL A 328 -21.66 -11.12 13.09
C VAL A 328 -22.29 -12.50 13.11
N GLY A 329 -22.50 -13.06 14.30
CA GLY A 329 -23.15 -14.37 14.38
C GLY A 329 -24.54 -14.37 13.78
N GLN A 330 -25.31 -13.30 14.00
CA GLN A 330 -26.65 -13.26 13.42
C GLN A 330 -26.62 -13.07 11.90
N ILE A 331 -25.60 -12.38 11.39
CA ILE A 331 -25.38 -12.33 9.95
C ILE A 331 -25.19 -13.74 9.41
N ASP A 332 -24.36 -14.54 10.10
CA ASP A 332 -24.12 -15.92 9.66
C ASP A 332 -25.40 -16.75 9.68
N ASP A 333 -26.24 -16.57 10.69
CA ASP A 333 -27.51 -17.31 10.73
C ASP A 333 -28.40 -16.97 9.54
N ALA A 334 -28.53 -15.69 9.21
CA ALA A 334 -29.35 -15.32 8.06
C ALA A 334 -28.76 -15.83 6.75
N LEU A 335 -27.42 -15.83 6.63
CA LEU A 335 -26.78 -16.34 5.42
C LEU A 335 -27.00 -17.84 5.25
N LYS A 336 -26.79 -18.61 6.33
CA LYS A 336 -27.06 -20.04 6.29
C LYS A 336 -28.49 -20.30 5.86
N LEU A 337 -29.45 -19.59 6.44
CA LEU A 337 -30.86 -19.88 6.14
C LEU A 337 -31.29 -19.37 4.77
N ALA A 338 -30.60 -18.39 4.20
CA ALA A 338 -30.95 -17.94 2.86
C ALA A 338 -30.28 -18.76 1.77
N ASN A 339 -29.21 -19.50 2.09
CA ASN A 339 -28.59 -20.35 1.08
C ASN A 339 -29.51 -21.47 0.60
N GLU A 340 -30.54 -21.80 1.35
CA GLU A 340 -31.42 -22.92 1.04
C GLU A 340 -32.68 -22.51 0.28
N GLY A 341 -32.75 -21.27 -0.21
CA GLY A 341 -33.89 -20.82 -0.99
C GLY A 341 -35.02 -20.22 -0.20
N LYS A 342 -34.93 -20.23 1.13
CA LYS A 342 -35.95 -19.64 1.99
C LYS A 342 -35.57 -18.21 2.30
N VAL A 343 -36.51 -17.27 2.13
CA VAL A 343 -36.21 -15.85 2.19
C VAL A 343 -36.81 -15.19 3.43
N LYS A 344 -38.03 -15.60 3.81
CA LYS A 344 -38.71 -14.96 4.93
C LYS A 344 -37.93 -15.11 6.24
N GLU A 345 -37.34 -16.27 6.47
CA GLU A 345 -36.58 -16.46 7.70
C GLU A 345 -35.29 -15.62 7.68
N ALA A 346 -34.72 -15.40 6.51
CA ALA A 346 -33.60 -14.47 6.40
C ALA A 346 -34.02 -13.07 6.80
N GLN A 347 -35.21 -12.64 6.36
CA GLN A 347 -35.68 -11.31 6.75
C GLN A 347 -35.99 -11.24 8.25
N ALA A 348 -36.47 -12.33 8.86
CA ALA A 348 -36.68 -12.35 10.30
C ALA A 348 -35.36 -12.19 11.05
N ALA A 349 -34.32 -12.92 10.64
CA ALA A 349 -33.02 -12.75 11.29
C ALA A 349 -32.47 -11.35 11.06
N ALA A 350 -32.83 -10.71 9.95
CA ALA A 350 -32.48 -9.31 9.75
C ALA A 350 -33.14 -8.41 10.80
N GLU A 351 -34.40 -8.67 11.11
CA GLU A 351 -35.08 -7.88 12.14
C GLU A 351 -34.41 -8.06 13.50
N GLN A 352 -34.00 -9.29 13.81
CA GLN A 352 -33.24 -9.51 15.05
C GLN A 352 -31.92 -8.73 15.04
N LEU A 353 -31.31 -8.61 13.86
CA LEU A 353 -30.12 -7.78 13.73
C LEU A 353 -30.41 -6.34 14.11
N LYS A 354 -31.55 -5.81 13.67
CA LYS A 354 -31.93 -4.43 14.03
C LYS A 354 -32.05 -4.27 15.53
N THR A 355 -32.73 -5.22 16.18
CA THR A 355 -32.92 -5.14 17.63
C THR A 355 -31.59 -5.12 18.39
N THR A 356 -30.69 -6.08 18.09
CA THR A 356 -29.41 -6.09 18.81
C THR A 356 -28.55 -4.89 18.44
N ARG A 357 -28.67 -4.39 17.21
CA ARG A 357 -27.91 -3.22 16.79
C ARG A 357 -28.27 -2.02 17.63
N ASN A 358 -29.56 -1.80 17.86
CA ASN A 358 -29.96 -0.69 18.73
C ASN A 358 -29.59 -0.95 20.19
N ALA A 359 -29.67 -2.21 20.63
CA ALA A 359 -29.47 -2.49 22.06
C ALA A 359 -28.01 -2.44 22.47
N TYR A 360 -27.07 -2.65 21.54
CA TYR A 360 -25.66 -2.78 21.90
C TYR A 360 -24.72 -1.69 21.42
N ILE A 361 -25.04 -0.97 20.36
CA ILE A 361 -24.02 -0.23 19.63
C ILE A 361 -24.15 1.29 19.77
N GLN A 362 -25.38 1.83 19.85
CA GLN A 362 -25.60 3.28 19.72
C GLN A 362 -24.89 4.11 20.79
N LYS A 363 -24.65 3.54 21.98
CA LYS A 363 -24.11 4.30 23.10
C LYS A 363 -22.75 4.88 22.76
N TYR A 364 -21.87 4.08 22.16
CA TYR A 364 -20.52 4.53 21.85
C TYR A 364 -20.53 5.59 20.75
N LEU A 365 -21.41 5.45 19.76
CA LEU A 365 -21.51 6.44 18.70
C LEU A 365 -21.96 7.79 19.24
N GLU A 366 -22.97 7.79 20.13
CA GLU A 366 -23.46 9.02 20.73
C GLU A 366 -22.39 9.68 21.59
N ARG A 367 -21.70 8.90 22.41
CA ARG A 367 -20.62 9.46 23.22
C ARG A 367 -19.53 10.08 22.35
N ALA A 368 -19.23 9.44 21.22
CA ALA A 368 -18.23 9.96 20.29
C ALA A 368 -18.59 11.35 19.79
N ARG A 369 -19.81 11.50 19.28
CA ARG A 369 -20.19 12.79 18.71
C ARG A 369 -20.28 13.89 19.78
N SER A 370 -20.76 13.55 20.98
CA SER A 370 -20.81 14.54 22.06
C SER A 370 -19.42 15.02 22.45
N THR A 371 -18.46 14.09 22.52
CA THR A 371 -17.09 14.48 22.81
C THR A 371 -16.54 15.41 21.73
N LEU A 372 -16.84 15.11 20.46
CA LEU A 372 -16.35 15.97 19.39
C LEU A 372 -16.89 17.40 19.52
N LEU A 373 -18.18 17.54 19.81
CA LEU A 373 -18.76 18.89 19.93
C LEU A 373 -18.16 19.66 21.09
N GLU A 374 -17.91 19.00 22.22
CA GLU A 374 -17.27 19.70 23.34
C GLU A 374 -15.86 20.18 22.97
N GLU A 375 -15.11 19.34 22.25
CA GLU A 375 -13.76 19.74 21.84
C GLU A 375 -13.78 20.98 20.95
N LEU A 376 -14.69 21.00 19.98
CA LEU A 376 -14.81 22.17 19.11
C LEU A 376 -15.17 23.41 19.91
N ASP A 377 -16.08 23.29 20.88
CA ASP A 377 -16.48 24.44 21.68
C ASP A 377 -15.28 25.07 22.40
N ALA A 378 -14.48 24.25 23.08
CA ALA A 378 -13.35 24.79 23.82
C ALA A 378 -12.33 25.45 22.89
N LEU A 379 -12.05 24.82 21.75
CA LEU A 379 -11.07 25.41 20.83
C LEU A 379 -11.56 26.74 20.27
N LEU A 380 -12.86 26.84 20.00
CA LEU A 380 -13.40 28.11 19.50
C LEU A 380 -13.23 29.23 20.51
N LEU A 381 -13.48 28.94 21.79
CA LEU A 381 -13.27 29.96 22.82
C LEU A 381 -11.81 30.43 22.84
N LEU A 382 -10.88 29.48 22.80
CA LEU A 382 -9.46 29.84 22.84
C LEU A 382 -9.05 30.70 21.65
N ALA A 383 -9.50 30.34 20.45
CA ALA A 383 -9.13 31.10 19.26
C ALA A 383 -9.70 32.51 19.28
N LEU A 384 -10.97 32.66 19.71
CA LEU A 384 -11.55 33.99 19.70
C LEU A 384 -10.88 34.90 20.73
N MET A 385 -10.33 34.35 21.82
CA MET A 385 -9.53 35.23 22.66
C MET A 385 -8.16 35.54 22.05
N THR A 386 -7.56 34.56 21.35
CA THR A 386 -6.21 34.78 20.83
C THR A 386 -6.16 35.91 19.80
N VAL A 387 -7.13 35.93 18.88
CA VAL A 387 -7.13 36.96 17.84
C VAL A 387 -7.27 38.34 18.46
N LEU A 388 -8.14 38.47 19.46
CA LEU A 388 -8.32 39.74 20.14
C LEU A 388 -7.03 40.20 20.80
N PHE A 389 -6.35 39.29 21.51
CA PHE A 389 -5.12 39.67 22.19
C PHE A 389 -4.07 40.17 21.22
N THR A 390 -3.90 39.46 20.09
CA THR A 390 -2.88 39.86 19.12
C THR A 390 -3.23 41.19 18.47
N MET A 391 -4.46 41.33 17.98
CA MET A 391 -4.82 42.55 17.27
C MET A 391 -4.90 43.77 18.18
N CYS A 392 -5.07 43.58 19.49
CA CYS A 392 -4.97 44.73 20.38
C CYS A 392 -3.58 44.95 20.95
N SER A 393 -2.68 43.98 20.84
CA SER A 393 -1.34 44.17 21.35
C SER A 393 -0.32 44.55 20.28
N LEU A 394 -0.69 44.46 19.00
CA LEU A 394 0.25 44.80 17.93
C LEU A 394 0.75 46.25 17.93
N PRO A 395 -0.10 47.29 18.03
CA PRO A 395 0.39 48.66 17.79
C PRO A 395 1.49 49.12 18.73
N VAL A 396 1.48 48.71 20.00
CA VAL A 396 2.59 49.09 20.88
C VAL A 396 3.88 48.42 20.44
N ILE A 397 3.79 47.18 19.95
CA ILE A 397 4.97 46.51 19.42
C ILE A 397 5.54 47.28 18.24
N TYR A 398 4.65 47.70 17.33
CA TYR A 398 5.07 48.48 16.18
C TYR A 398 5.69 49.81 16.59
N ARG A 399 5.09 50.47 17.58
CA ARG A 399 5.58 51.77 18.02
C ARG A 399 6.96 51.66 18.64
N ALA A 400 7.19 50.63 19.45
CA ALA A 400 8.51 50.46 20.05
C ALA A 400 9.55 50.01 19.02
N TYR A 401 9.13 49.26 18.00
CA TYR A 401 10.07 48.84 16.97
C TYR A 401 10.49 50.02 16.10
N TYR A 402 9.52 50.80 15.62
CA TYR A 402 9.80 51.87 14.67
C TYR A 402 10.51 53.04 15.34
N GLY A 403 10.11 53.38 16.57
CA GLY A 403 10.68 54.50 17.28
C GLY A 403 11.99 54.24 17.96
N ALA A 404 12.55 53.04 17.81
CA ALA A 404 13.83 52.72 18.43
C ALA A 404 15.01 53.03 17.51
N PHE A 405 14.98 52.48 16.29
CA PHE A 405 16.06 52.68 15.33
C PHE A 405 15.65 53.75 14.32
N LYS A 406 15.46 54.97 14.83
CA LYS A 406 15.10 56.10 13.98
C LYS A 406 15.49 57.38 14.70
N ASP A 407 16.01 58.34 13.94
CA ASP A 407 16.41 59.63 14.50
C ASP A 407 15.21 60.55 14.62
N VAL A 408 15.46 61.81 15.00
CA VAL A 408 14.36 62.77 15.16
C VAL A 408 13.80 63.15 13.80
N LYS A 409 12.47 63.14 13.71
CA LYS A 409 11.78 63.42 12.46
C LYS A 409 10.34 63.80 12.77
N GLU A 410 9.79 64.70 11.94
CA GLU A 410 8.40 65.12 11.96
C GLU A 410 8.06 65.89 13.24
N LYS A 411 6.88 66.51 13.27
CA LYS A 411 6.51 67.32 14.43
C LYS A 411 6.23 66.44 15.64
N ASN A 412 6.60 66.95 16.81
CA ASN A 412 6.42 66.23 18.06
C ASN A 412 5.17 66.69 18.80
N ARG A 413 4.27 67.39 18.12
CA ARG A 413 3.05 67.86 18.77
C ARG A 413 1.89 66.88 18.59
N THR A 414 1.53 66.57 17.35
CA THR A 414 0.41 65.68 17.08
C THR A 414 0.79 64.35 16.47
N SER A 415 1.98 64.22 15.87
CA SER A 415 2.37 62.95 15.28
C SER A 415 2.72 61.93 16.36
N GLU A 416 3.55 62.33 17.34
CA GLU A 416 3.95 61.42 18.39
C GLU A 416 2.82 61.20 19.40
N GLU A 417 2.16 62.28 19.82
CA GLU A 417 1.25 62.21 20.95
C GLU A 417 -0.04 61.47 20.60
N ALA A 418 -0.63 61.79 19.46
CA ALA A 418 -1.86 61.10 19.06
C ALA A 418 -1.59 59.62 18.80
N GLU A 419 -0.45 59.30 18.19
CA GLU A 419 -0.10 57.91 17.96
C GLU A 419 0.11 57.15 19.27
N ASP A 420 0.76 57.79 20.25
CA ASP A 420 0.99 57.12 21.52
C ASP A 420 -0.32 56.96 22.30
N LEU A 421 -1.20 57.95 22.26
CA LEU A 421 -2.52 57.80 22.88
C LEU A 421 -3.30 56.67 22.21
N ARG A 422 -3.20 56.54 20.89
CA ARG A 422 -3.84 55.45 20.18
C ARG A 422 -3.28 54.10 20.62
N ALA A 423 -1.95 54.01 20.75
CA ALA A 423 -1.33 52.76 21.18
C ALA A 423 -1.75 52.39 22.60
N LEU A 424 -1.81 53.39 23.50
CA LEU A 424 -2.26 53.13 24.86
C LEU A 424 -3.72 52.71 24.91
N ARG A 425 -4.57 53.32 24.06
CA ARG A 425 -5.97 52.93 24.02
C ARG A 425 -6.14 51.49 23.53
N PHE A 426 -5.39 51.12 22.49
CA PHE A 426 -5.45 49.75 22.00
C PHE A 426 -4.87 48.76 23.00
N LEU A 427 -3.92 49.17 23.83
CA LEU A 427 -3.49 48.29 24.90
C LEU A 427 -4.56 48.15 25.98
N SER A 428 -5.26 49.25 26.28
CA SER A 428 -6.22 49.24 27.38
C SER A 428 -7.51 48.53 27.03
N VAL A 429 -7.82 48.38 25.74
CA VAL A 429 -9.07 47.71 25.32
C VAL A 429 -9.12 46.27 25.82
N ILE A 430 -7.96 45.63 26.04
CA ILE A 430 -7.89 44.20 26.34
C ILE A 430 -8.72 43.86 27.57
N SER A 431 -8.50 44.59 28.67
CA SER A 431 -9.17 44.26 29.92
C SER A 431 -10.65 44.60 29.92
N ILE A 432 -11.14 45.33 28.93
CA ILE A 432 -12.52 45.78 28.93
C ILE A 432 -13.43 44.80 28.19
N VAL A 433 -12.98 44.29 27.05
CA VAL A 433 -13.79 43.41 26.21
C VAL A 433 -13.48 41.94 26.44
N ASN A 434 -12.53 41.60 27.32
CA ASN A 434 -12.20 40.20 27.56
C ASN A 434 -13.34 39.35 28.12
N PRO A 435 -14.06 39.75 29.18
CA PRO A 435 -15.12 38.87 29.67
C PRO A 435 -16.41 38.96 28.85
N TRP A 436 -16.58 40.01 28.06
CA TRP A 436 -17.87 40.21 27.40
C TRP A 436 -18.11 39.19 26.29
N ILE A 437 -17.08 38.87 25.51
CA ILE A 437 -17.26 37.90 24.43
C ILE A 437 -17.53 36.52 25.01
N PHE A 438 -16.92 36.20 26.15
CA PHE A 438 -17.21 34.95 26.83
C PHE A 438 -18.65 34.93 27.34
N ILE A 439 -19.11 36.04 27.90
CA ILE A 439 -20.50 36.13 28.36
C ILE A 439 -21.45 35.90 27.19
N ILE A 440 -21.12 36.45 26.03
CA ILE A 440 -21.95 36.25 24.85
C ILE A 440 -21.95 34.78 24.44
N PHE A 441 -20.79 34.13 24.47
CA PHE A 441 -20.71 32.76 23.93
C PHE A 441 -21.34 31.73 24.87
N ARG A 442 -21.11 31.85 26.18
CA ARG A 442 -21.59 30.82 27.10
C ARG A 442 -23.03 31.06 27.57
N SER A 443 -23.65 32.18 27.23
CA SER A 443 -25.01 32.42 27.66
C SER A 443 -25.95 31.38 27.04
N PRO A 444 -26.83 30.77 27.83
CA PRO A 444 -27.58 29.59 27.34
C PRO A 444 -28.44 29.87 26.12
N VAL A 445 -29.06 31.06 26.05
CA VAL A 445 -29.90 31.38 24.89
C VAL A 445 -29.04 31.53 23.64
N PHE A 446 -27.92 32.25 23.73
CA PHE A 446 -27.02 32.32 22.59
C PHE A 446 -26.23 31.03 22.41
N ARG A 447 -26.09 30.22 23.46
CA ARG A 447 -25.50 28.89 23.27
C ARG A 447 -26.38 28.04 22.36
N ILE A 448 -27.69 28.06 22.60
CA ILE A 448 -28.62 27.33 21.74
C ILE A 448 -28.67 27.96 20.35
N PHE A 449 -28.60 29.29 20.28
CA PHE A 449 -28.60 29.95 18.97
C PHE A 449 -27.38 29.56 18.16
N PHE A 450 -26.19 29.54 18.78
CA PHE A 450 -25.00 29.08 18.07
C PHE A 450 -25.07 27.59 17.74
N HIS A 451 -25.70 26.79 18.60
CA HIS A 451 -25.88 25.38 18.28
C HIS A 451 -26.71 25.21 17.01
N LYS A 452 -27.79 26.00 16.89
CA LYS A 452 -28.58 25.97 15.66
C LYS A 452 -27.77 26.49 14.47
N ILE A 453 -26.95 27.52 14.70
CA ILE A 453 -26.12 28.08 13.63
C ILE A 453 -25.13 27.04 13.13
N PHE A 454 -24.51 26.29 14.05
CA PHE A 454 -23.61 25.21 13.68
C PHE A 454 -24.34 24.07 12.99
N ILE A 455 -25.58 23.80 13.41
CA ILE A 455 -26.36 22.73 12.78
C ILE A 455 -26.70 23.10 11.34
N ARG A 456 -26.90 24.40 11.06
CA ARG A 456 -27.38 24.86 9.77
C ARG A 456 -26.57 24.37 8.56
N PRO A 457 -25.22 24.40 8.56
CA PRO A 457 -24.59 23.78 7.38
C PRO A 457 -24.57 22.26 7.48
N GLU B 4 -0.75 -34.14 17.11
CA GLU B 4 -0.54 -34.17 15.67
C GLU B 4 -1.88 -33.99 14.95
N VAL B 5 -1.84 -33.36 13.79
CA VAL B 5 -3.03 -33.18 12.96
C VAL B 5 -2.71 -33.76 11.59
N GLN B 6 -3.65 -34.49 11.01
CA GLN B 6 -3.36 -35.14 9.75
C GLN B 6 -4.64 -35.40 8.99
N LEU B 7 -4.60 -35.18 7.67
CA LEU B 7 -5.71 -35.46 6.77
C LEU B 7 -5.21 -36.41 5.71
N VAL B 8 -6.00 -37.43 5.36
CA VAL B 8 -5.57 -38.42 4.37
C VAL B 8 -6.70 -38.68 3.39
N GLU B 9 -6.39 -38.65 2.09
CA GLU B 9 -7.35 -38.92 1.03
C GLU B 9 -7.16 -40.31 0.46
N SER B 10 -8.19 -40.78 -0.24
CA SER B 10 -8.18 -42.09 -0.88
C SER B 10 -9.23 -42.10 -1.97
N GLY B 11 -9.14 -43.11 -2.83
CA GLY B 11 -10.21 -43.41 -3.76
C GLY B 11 -10.07 -42.91 -5.19
N GLY B 12 -8.91 -42.41 -5.57
CA GLY B 12 -8.72 -41.90 -6.92
C GLY B 12 -8.17 -42.93 -7.89
N GLY B 13 -8.49 -42.74 -9.16
CA GLY B 13 -8.01 -43.66 -10.17
C GLY B 13 -8.64 -43.36 -11.52
N LEU B 14 -8.35 -44.24 -12.48
CA LEU B 14 -8.84 -44.07 -13.83
C LEU B 14 -10.29 -44.51 -13.92
N VAL B 15 -11.13 -43.64 -14.47
CA VAL B 15 -12.54 -43.92 -14.65
C VAL B 15 -12.93 -43.52 -16.07
N GLN B 16 -13.94 -44.18 -16.59
CA GLN B 16 -14.47 -43.88 -17.90
C GLN B 16 -15.31 -42.60 -17.85
N PRO B 17 -15.59 -41.99 -19.00
CA PRO B 17 -16.60 -40.93 -19.03
C PRO B 17 -17.95 -41.46 -18.59
N GLY B 18 -18.67 -40.64 -17.82
CA GLY B 18 -19.95 -41.01 -17.27
C GLY B 18 -19.89 -41.91 -16.05
N GLY B 19 -18.69 -42.25 -15.55
CA GLY B 19 -18.55 -43.11 -14.40
C GLY B 19 -18.59 -42.36 -13.08
N SER B 20 -18.49 -43.12 -12.00
CA SER B 20 -18.66 -42.59 -10.66
C SER B 20 -17.49 -42.99 -9.77
N LEU B 21 -17.19 -42.15 -8.80
CA LEU B 21 -16.08 -42.41 -7.89
C LEU B 21 -16.41 -41.85 -6.51
N ARG B 22 -15.70 -42.33 -5.50
CA ARG B 22 -15.95 -41.94 -4.11
C ARG B 22 -14.63 -41.67 -3.40
N LEU B 23 -14.44 -40.43 -2.96
CA LEU B 23 -13.24 -40.01 -2.26
C LEU B 23 -13.50 -39.90 -0.77
N SER B 24 -12.53 -40.35 0.03
CA SER B 24 -12.67 -40.45 1.47
C SER B 24 -11.56 -39.67 2.15
N CYS B 25 -11.92 -38.62 2.89
CA CYS B 25 -10.99 -37.80 3.64
C CYS B 25 -11.11 -38.16 5.11
N ALA B 26 -10.08 -38.80 5.65
CA ALA B 26 -10.07 -39.25 7.04
C ALA B 26 -9.15 -38.39 7.86
N ALA B 27 -9.66 -37.88 8.99
CA ALA B 27 -8.94 -36.98 9.86
C ALA B 27 -8.38 -37.70 11.06
N SER B 28 -7.21 -37.24 11.51
CA SER B 28 -6.51 -37.88 12.62
C SER B 28 -5.88 -36.83 13.52
N GLY B 29 -6.00 -37.04 14.82
CA GLY B 29 -5.43 -36.15 15.80
C GLY B 29 -6.31 -34.99 16.21
N PHE B 30 -7.47 -34.83 15.59
CA PHE B 30 -8.45 -33.84 16.01
C PHE B 30 -9.81 -34.38 15.63
N ASN B 31 -10.86 -33.75 16.18
CA ASN B 31 -12.22 -34.22 15.95
C ASN B 31 -12.86 -33.42 14.83
N VAL B 32 -13.45 -34.13 13.88
CA VAL B 32 -14.13 -33.50 12.75
C VAL B 32 -15.28 -32.63 13.25
N VAL B 33 -15.87 -32.99 14.38
CA VAL B 33 -17.07 -32.32 14.88
C VAL B 33 -16.81 -30.84 15.17
N ASP B 34 -15.57 -30.46 15.42
CA ASP B 34 -15.24 -29.10 15.81
C ASP B 34 -14.75 -28.22 14.66
N PHE B 35 -14.76 -28.71 13.43
CA PHE B 35 -14.25 -27.97 12.28
C PHE B 35 -15.11 -28.26 11.06
N SER B 36 -15.06 -27.37 10.08
CA SER B 36 -15.68 -27.60 8.78
C SER B 36 -14.65 -28.10 7.77
N LEU B 37 -15.15 -28.76 6.71
CA LEU B 37 -14.27 -29.40 5.73
C LEU B 37 -14.60 -28.99 4.30
N HIS B 38 -13.55 -28.82 3.49
CA HIS B 38 -13.63 -28.26 2.14
C HIS B 38 -12.81 -29.08 1.17
N TRP B 39 -13.26 -29.11 -0.09
CA TRP B 39 -12.59 -29.83 -1.17
C TRP B 39 -12.21 -28.84 -2.26
N VAL B 40 -10.95 -28.94 -2.72
CA VAL B 40 -10.31 -28.06 -3.70
C VAL B 40 -9.63 -28.93 -4.77
N ARG B 41 -9.51 -28.41 -6.00
CA ARG B 41 -8.87 -29.19 -7.06
C ARG B 41 -7.96 -28.33 -7.94
N GLN B 42 -7.01 -28.99 -8.60
CA GLN B 42 -6.06 -28.34 -9.50
C GLN B 42 -5.87 -29.17 -10.77
N ALA B 43 -6.16 -28.58 -11.92
CA ALA B 43 -6.00 -29.21 -13.22
C ALA B 43 -4.55 -29.22 -13.65
N PRO B 44 -4.16 -30.11 -14.57
CA PRO B 44 -2.75 -30.16 -15.00
C PRO B 44 -2.34 -28.91 -15.78
N GLY B 45 -1.34 -28.20 -15.25
CA GLY B 45 -0.86 -26.97 -15.83
C GLY B 45 -1.60 -25.71 -15.42
N LYS B 46 -2.48 -25.78 -14.43
CA LYS B 46 -3.36 -24.66 -14.10
C LYS B 46 -3.29 -24.29 -12.62
N GLY B 47 -4.22 -23.43 -12.17
CA GLY B 47 -4.26 -22.99 -10.80
C GLY B 47 -5.33 -23.67 -9.96
N LEU B 48 -5.43 -23.23 -8.70
CA LEU B 48 -6.29 -23.78 -7.67
C LEU B 48 -7.75 -23.37 -7.85
N GLU B 49 -8.66 -24.16 -7.28
CA GLU B 49 -10.09 -23.98 -7.49
C GLU B 49 -10.90 -24.70 -6.41
N TRP B 50 -11.71 -23.96 -5.66
CA TRP B 50 -12.55 -24.50 -4.59
C TRP B 50 -13.72 -25.30 -5.16
N VAL B 51 -14.07 -26.42 -4.50
CA VAL B 51 -15.14 -27.28 -4.99
C VAL B 51 -16.32 -27.34 -4.03
N ALA B 52 -16.12 -27.70 -2.76
CA ALA B 52 -17.29 -27.97 -1.92
C ALA B 52 -16.99 -27.82 -0.43
N TYR B 53 -18.07 -27.80 0.36
CA TYR B 53 -18.10 -27.43 1.79
C TYR B 53 -19.14 -28.23 2.59
N ILE B 54 -18.73 -28.78 3.74
CA ILE B 54 -19.60 -29.45 4.71
C ILE B 54 -19.33 -28.92 6.12
N SER B 55 -20.39 -28.65 6.87
CA SER B 55 -20.30 -28.36 8.30
C SER B 55 -21.02 -29.45 9.06
N SER B 56 -20.30 -30.12 9.97
CA SER B 56 -20.83 -31.33 10.59
C SER B 56 -21.93 -31.01 11.58
N SER B 57 -21.70 -30.02 12.46
CA SER B 57 -22.65 -29.72 13.52
C SER B 57 -23.95 -29.16 12.95
N SER B 58 -23.86 -28.16 12.09
CA SER B 58 -25.04 -27.48 11.59
C SER B 58 -25.71 -28.25 10.46
N GLY B 59 -25.01 -29.20 9.84
CA GLY B 59 -25.51 -29.86 8.65
C GLY B 59 -25.46 -29.04 7.38
N SER B 60 -24.76 -27.91 7.40
CA SER B 60 -24.74 -27.00 6.27
C SER B 60 -23.79 -27.49 5.18
N THR B 61 -24.21 -27.30 3.93
CA THR B 61 -23.58 -27.88 2.75
C THR B 61 -23.61 -26.88 1.61
N SER B 62 -22.50 -26.71 0.90
CA SER B 62 -22.48 -25.81 -0.25
C SER B 62 -21.55 -26.35 -1.34
N TYR B 63 -21.92 -26.07 -2.60
CA TYR B 63 -21.24 -26.55 -3.79
C TYR B 63 -21.02 -25.42 -4.79
N ALA B 64 -19.96 -25.56 -5.59
CA ALA B 64 -19.58 -24.62 -6.65
C ALA B 64 -20.47 -24.80 -7.88
N ASP B 65 -20.40 -23.83 -8.78
CA ASP B 65 -21.28 -23.84 -9.94
C ASP B 65 -20.86 -24.86 -11.00
N SER B 66 -19.59 -25.22 -11.05
CA SER B 66 -19.16 -26.27 -11.96
C SER B 66 -19.45 -27.66 -11.41
N VAL B 67 -19.87 -27.73 -10.15
CA VAL B 67 -19.96 -28.98 -9.41
C VAL B 67 -21.39 -29.25 -8.93
N LYS B 68 -22.11 -28.21 -8.51
CA LYS B 68 -23.42 -28.36 -7.90
C LYS B 68 -24.37 -29.13 -8.79
N GLY B 69 -25.07 -30.11 -8.21
CA GLY B 69 -25.95 -30.98 -8.93
C GLY B 69 -25.32 -32.28 -9.40
N ARG B 70 -24.01 -32.43 -9.26
CA ARG B 70 -23.33 -33.64 -9.69
C ARG B 70 -22.47 -34.28 -8.62
N PHE B 71 -22.03 -33.55 -7.60
CA PHE B 71 -21.27 -34.10 -6.50
C PHE B 71 -22.15 -34.14 -5.26
N THR B 72 -21.70 -34.90 -4.27
CA THR B 72 -22.38 -34.91 -2.98
C THR B 72 -21.35 -35.09 -1.88
N ILE B 73 -21.31 -34.16 -0.93
CA ILE B 73 -20.41 -34.26 0.21
C ILE B 73 -21.21 -34.72 1.41
N SER B 74 -20.55 -35.46 2.30
CA SER B 74 -21.19 -36.08 3.44
C SER B 74 -20.16 -36.30 4.53
N ALA B 75 -20.61 -36.66 5.72
CA ALA B 75 -19.69 -36.94 6.81
C ALA B 75 -20.33 -37.91 7.77
N ASP B 76 -19.50 -38.53 8.59
CA ASP B 76 -20.03 -39.19 9.79
C ASP B 76 -18.97 -39.20 10.87
N THR B 77 -19.39 -38.83 12.07
CA THR B 77 -18.51 -38.60 13.21
C THR B 77 -18.27 -39.86 14.02
N SER B 78 -19.07 -40.90 13.81
CA SER B 78 -18.81 -42.17 14.47
C SER B 78 -17.46 -42.75 14.03
N LYS B 79 -17.16 -42.69 12.74
CA LYS B 79 -15.88 -43.13 12.21
C LYS B 79 -14.95 -41.98 11.84
N ASN B 80 -15.40 -40.73 12.01
CA ASN B 80 -14.56 -39.53 11.89
C ASN B 80 -14.06 -39.33 10.46
N THR B 81 -15.01 -39.22 9.53
CA THR B 81 -14.63 -39.22 8.12
C THR B 81 -15.55 -38.30 7.34
N ALA B 82 -15.05 -37.77 6.23
CA ALA B 82 -15.88 -37.06 5.25
C ALA B 82 -15.73 -37.72 3.89
N TYR B 83 -16.76 -37.57 3.06
CA TYR B 83 -16.84 -38.23 1.77
C TYR B 83 -17.27 -37.25 0.69
N LEU B 84 -16.76 -37.49 -0.51
CA LEU B 84 -17.23 -36.79 -1.70
C LEU B 84 -17.57 -37.84 -2.75
N GLN B 85 -18.75 -37.72 -3.35
CA GLN B 85 -19.24 -38.65 -4.34
C GLN B 85 -19.36 -37.94 -5.67
N MET B 86 -18.70 -38.46 -6.69
CA MET B 86 -18.59 -37.88 -8.01
C MET B 86 -19.37 -38.79 -8.96
N ASN B 87 -20.31 -38.22 -9.72
CA ASN B 87 -21.30 -39.07 -10.38
C ASN B 87 -21.21 -39.10 -11.90
N SER B 88 -21.25 -37.98 -12.57
CA SER B 88 -21.33 -37.96 -14.03
C SER B 88 -20.10 -37.24 -14.55
N LEU B 89 -19.01 -37.98 -14.70
CA LEU B 89 -17.71 -37.37 -14.90
C LEU B 89 -17.45 -37.04 -16.37
N ARG B 90 -16.79 -35.92 -16.59
CA ARG B 90 -16.38 -35.48 -17.90
C ARG B 90 -14.87 -35.35 -17.95
N ALA B 91 -14.34 -35.11 -19.15
CA ALA B 91 -12.90 -35.01 -19.35
C ALA B 91 -12.30 -33.72 -18.80
N GLU B 92 -13.13 -32.75 -18.42
CA GLU B 92 -12.63 -31.54 -17.78
C GLU B 92 -12.48 -31.69 -16.28
N ASP B 93 -12.81 -32.85 -15.72
CA ASP B 93 -12.72 -33.08 -14.27
C ASP B 93 -11.45 -33.80 -13.85
N THR B 94 -10.57 -34.15 -14.78
CA THR B 94 -9.31 -34.79 -14.43
C THR B 94 -8.36 -33.78 -13.80
N ALA B 95 -7.88 -34.08 -12.60
CA ALA B 95 -7.18 -33.10 -11.78
C ALA B 95 -6.57 -33.81 -10.59
N VAL B 96 -6.00 -33.03 -9.68
CA VAL B 96 -5.59 -33.51 -8.37
C VAL B 96 -6.49 -32.83 -7.33
N TYR B 97 -7.03 -33.62 -6.41
CA TYR B 97 -8.02 -33.16 -5.44
C TYR B 97 -7.42 -33.19 -4.03
N TYR B 98 -7.69 -32.11 -3.27
CA TYR B 98 -7.21 -31.93 -1.92
C TYR B 98 -8.36 -31.64 -0.97
N CYS B 99 -8.14 -31.94 0.30
CA CYS B 99 -9.08 -31.77 1.40
C CYS B 99 -8.45 -30.87 2.47
N ALA B 100 -9.22 -29.88 2.96
CA ALA B 100 -8.71 -28.92 3.94
C ALA B 100 -9.78 -28.61 4.98
N ARG B 101 -9.37 -28.04 6.12
CA ARG B 101 -10.27 -27.69 7.22
C ARG B 101 -10.29 -26.19 7.49
N TRP B 102 -11.35 -25.75 8.16
CA TRP B 102 -11.52 -24.35 8.53
C TRP B 102 -12.27 -24.30 9.85
N GLY B 103 -11.81 -23.43 10.75
CA GLY B 103 -12.36 -23.33 12.09
C GLY B 103 -13.64 -22.53 12.17
N TYR B 104 -14.10 -22.31 13.41
CA TYR B 104 -15.43 -21.79 13.68
C TYR B 104 -15.40 -20.41 14.32
N TRP B 105 -16.36 -19.57 13.95
CA TRP B 105 -16.59 -18.29 14.61
C TRP B 105 -17.18 -18.51 16.01
N PRO B 106 -16.76 -17.72 17.02
CA PRO B 106 -15.86 -16.57 16.99
C PRO B 106 -14.44 -16.83 17.44
N GLY B 107 -13.54 -15.91 17.12
CA GLY B 107 -12.20 -15.94 17.66
C GLY B 107 -11.10 -16.12 16.65
N GLU B 108 -9.94 -16.54 17.14
CA GLU B 108 -8.82 -16.91 16.29
C GLU B 108 -9.09 -18.05 15.31
N PRO B 109 -9.86 -19.10 15.63
CA PRO B 109 -10.05 -20.18 14.64
C PRO B 109 -10.65 -19.76 13.30
N TRP B 110 -11.48 -18.73 13.23
CA TRP B 110 -11.98 -18.32 11.93
C TRP B 110 -10.96 -17.54 11.13
N TRP B 111 -10.10 -16.77 11.77
CA TRP B 111 -9.22 -15.88 11.01
C TRP B 111 -8.04 -16.58 10.39
N LYS B 112 -7.79 -17.84 10.71
CA LYS B 112 -6.80 -18.66 10.03
C LYS B 112 -7.54 -19.62 9.10
N ALA B 113 -7.50 -19.38 7.79
CA ALA B 113 -8.47 -20.05 6.94
C ALA B 113 -8.15 -21.53 6.73
N PHE B 114 -7.08 -21.83 6.01
CA PHE B 114 -6.77 -23.17 5.51
C PHE B 114 -5.41 -23.59 6.01
N ASP B 115 -5.22 -23.55 7.33
CA ASP B 115 -3.93 -23.88 7.91
C ASP B 115 -3.50 -25.33 7.72
N TYR B 116 -4.43 -26.25 7.50
CA TYR B 116 -4.06 -27.65 7.26
C TYR B 116 -4.71 -28.14 5.98
N TRP B 117 -3.90 -28.76 5.13
CA TRP B 117 -4.31 -29.32 3.84
C TRP B 117 -4.01 -30.81 3.83
N GLY B 118 -4.65 -31.52 2.91
CA GLY B 118 -4.43 -32.94 2.79
C GLY B 118 -3.17 -33.32 2.05
N GLN B 119 -3.26 -34.25 1.11
CA GLN B 119 -2.10 -34.73 0.36
C GLN B 119 -2.31 -34.84 -1.14
N GLY B 120 -3.54 -34.88 -1.62
CA GLY B 120 -3.86 -34.94 -3.02
C GLY B 120 -4.17 -36.35 -3.50
N THR B 121 -5.07 -36.44 -4.48
CA THR B 121 -5.33 -37.69 -5.17
C THR B 121 -5.68 -37.36 -6.62
N LEU B 122 -5.15 -38.14 -7.56
CA LEU B 122 -5.28 -37.84 -8.98
C LEU B 122 -6.44 -38.58 -9.59
N VAL B 123 -7.30 -37.87 -10.30
CA VAL B 123 -8.48 -38.45 -10.95
C VAL B 123 -8.33 -38.21 -12.44
N THR B 124 -8.36 -39.30 -13.22
CA THR B 124 -8.16 -39.29 -14.66
C THR B 124 -9.41 -39.78 -15.36
N VAL B 125 -9.90 -39.01 -16.32
CA VAL B 125 -11.13 -39.35 -17.05
C VAL B 125 -10.77 -39.50 -18.51
N SER B 126 -10.65 -40.74 -18.98
CA SER B 126 -10.27 -40.99 -20.37
C SER B 126 -10.85 -42.31 -20.84
N SER B 127 -11.30 -42.33 -22.10
CA SER B 127 -11.85 -43.54 -22.72
C SER B 127 -10.80 -44.13 -23.64
N ALA B 128 -9.86 -44.89 -23.05
CA ALA B 128 -8.78 -45.47 -23.83
C ALA B 128 -8.29 -46.74 -23.14
N SER B 129 -7.67 -47.61 -23.94
CA SER B 129 -7.15 -48.87 -23.44
C SER B 129 -5.63 -48.85 -23.52
N THR B 130 -4.99 -49.60 -22.64
CA THR B 130 -3.54 -49.58 -22.52
C THR B 130 -2.88 -50.09 -23.79
N LYS B 131 -1.90 -49.35 -24.29
CA LYS B 131 -1.20 -49.65 -25.53
C LYS B 131 0.30 -49.71 -25.26
N GLY B 132 1.06 -49.93 -26.32
CA GLY B 132 2.50 -50.03 -26.21
C GLY B 132 3.19 -48.94 -27.00
N PRO B 133 4.30 -48.45 -26.47
CA PRO B 133 5.04 -47.40 -27.16
C PRO B 133 5.82 -47.96 -28.35
N SER B 134 5.74 -47.25 -29.47
CA SER B 134 6.56 -47.55 -30.64
C SER B 134 7.72 -46.56 -30.68
N VAL B 135 8.93 -47.07 -30.94
CA VAL B 135 10.14 -46.26 -30.88
C VAL B 135 10.66 -46.03 -32.29
N PHE B 136 10.87 -44.76 -32.64
CA PHE B 136 11.34 -44.37 -33.94
C PHE B 136 12.64 -43.59 -33.82
N PRO B 137 13.65 -43.87 -34.63
CA PRO B 137 14.88 -43.07 -34.57
C PRO B 137 14.66 -41.69 -35.17
N LEU B 138 15.54 -40.77 -34.80
CA LEU B 138 15.61 -39.45 -35.39
C LEU B 138 17.02 -39.35 -35.97
N ALA B 139 17.18 -39.80 -37.20
CA ALA B 139 18.50 -39.90 -37.79
C ALA B 139 19.03 -38.50 -38.08
N PRO B 140 20.22 -38.16 -37.59
CA PRO B 140 20.76 -36.82 -37.84
C PRO B 140 21.09 -36.63 -39.31
N SER B 141 21.30 -35.36 -39.68
CA SER B 141 21.59 -35.04 -41.06
C SER B 141 22.99 -35.54 -41.43
N SER B 142 23.41 -35.26 -42.66
CA SER B 142 24.73 -35.66 -43.13
C SER B 142 25.81 -34.95 -42.33
N LYS B 143 27.06 -35.27 -42.65
CA LYS B 143 28.19 -34.72 -41.89
C LYS B 143 28.26 -33.22 -42.12
N SER B 144 27.78 -32.46 -41.15
CA SER B 144 27.73 -31.01 -41.22
C SER B 144 28.02 -30.46 -39.83
N THR B 145 28.61 -29.28 -39.79
CA THR B 145 29.16 -28.69 -38.56
C THR B 145 30.10 -29.69 -37.89
N SER B 146 31.07 -30.19 -38.67
CA SER B 146 31.99 -31.21 -38.17
C SER B 146 32.83 -30.68 -37.02
N GLY B 147 33.25 -29.41 -37.09
CA GLY B 147 33.90 -28.80 -35.95
C GLY B 147 32.98 -28.64 -34.76
N GLY B 148 31.70 -28.36 -35.01
CA GLY B 148 30.74 -28.13 -33.94
C GLY B 148 30.23 -29.43 -33.34
N THR B 149 28.91 -29.52 -33.18
CA THR B 149 28.30 -30.68 -32.56
C THR B 149 27.07 -31.07 -33.38
N ALA B 150 26.53 -32.24 -33.06
CA ALA B 150 25.36 -32.77 -33.76
C ALA B 150 24.33 -33.25 -32.74
N ALA B 151 23.11 -33.47 -33.20
CA ALA B 151 22.02 -33.87 -32.32
C ALA B 151 21.36 -35.15 -32.84
N LEU B 152 20.81 -35.92 -31.90
CA LEU B 152 20.15 -37.17 -32.26
C LEU B 152 19.22 -37.58 -31.14
N GLY B 153 18.11 -38.23 -31.50
CA GLY B 153 17.20 -38.66 -30.46
C GLY B 153 16.30 -39.78 -30.93
N CYS B 154 15.42 -40.21 -30.02
CA CYS B 154 14.42 -41.20 -30.36
C CYS B 154 13.05 -40.75 -29.88
N LEU B 155 12.05 -41.07 -30.68
CA LEU B 155 10.65 -40.78 -30.43
C LEU B 155 10.01 -41.99 -29.78
N VAL B 156 9.38 -41.77 -28.64
CA VAL B 156 8.56 -42.78 -27.96
C VAL B 156 7.12 -42.36 -28.17
N LYS B 157 6.40 -43.08 -29.03
CA LYS B 157 5.16 -42.57 -29.58
C LYS B 157 4.01 -43.54 -29.33
N ASP B 158 2.83 -42.97 -29.07
CA ASP B 158 1.55 -43.69 -28.99
C ASP B 158 1.56 -44.76 -27.88
N TYR B 159 1.62 -44.28 -26.65
CA TYR B 159 1.43 -45.12 -25.48
C TYR B 159 0.24 -44.65 -24.66
N PHE B 160 -0.21 -45.50 -23.73
CA PHE B 160 -1.28 -45.21 -22.79
C PHE B 160 -1.22 -46.22 -21.67
N PRO B 161 -1.38 -45.80 -20.42
CA PRO B 161 -1.42 -44.44 -19.89
C PRO B 161 -0.06 -44.02 -19.34
N GLU B 162 0.01 -42.91 -18.63
CA GLU B 162 1.25 -42.44 -18.02
C GLU B 162 1.72 -43.45 -16.97
N PRO B 163 3.02 -43.48 -16.65
CA PRO B 163 4.16 -42.80 -17.24
C PRO B 163 5.09 -43.74 -18.02
N VAL B 164 6.17 -43.19 -18.58
CA VAL B 164 7.14 -43.95 -19.37
C VAL B 164 8.54 -43.49 -18.98
N THR B 165 9.45 -44.44 -18.82
CA THR B 165 10.85 -44.14 -18.50
C THR B 165 11.73 -44.42 -19.72
N VAL B 166 12.56 -43.44 -20.09
CA VAL B 166 13.46 -43.54 -21.23
C VAL B 166 14.88 -43.29 -20.76
N SER B 167 15.80 -44.18 -21.11
CA SER B 167 17.19 -44.06 -20.73
C SER B 167 18.09 -44.27 -21.96
N TRP B 168 19.35 -43.87 -21.82
CA TRP B 168 20.29 -43.87 -22.93
C TRP B 168 21.47 -44.77 -22.62
N ASN B 169 21.76 -45.70 -23.53
CA ASN B 169 22.86 -46.65 -23.41
C ASN B 169 22.80 -47.41 -22.08
N SER B 170 21.58 -47.83 -21.73
CA SER B 170 21.31 -48.50 -20.45
C SER B 170 21.76 -47.65 -19.26
N GLY B 171 21.52 -46.35 -19.36
CA GLY B 171 21.85 -45.43 -18.28
C GLY B 171 23.28 -44.95 -18.27
N ALA B 172 24.06 -45.22 -19.32
CA ALA B 172 25.44 -44.74 -19.35
C ALA B 172 25.50 -43.24 -19.60
N LEU B 173 24.72 -42.75 -20.57
CA LEU B 173 24.71 -41.33 -20.91
C LEU B 173 23.72 -40.59 -20.02
N THR B 174 24.19 -39.53 -19.37
CA THR B 174 23.35 -38.71 -18.52
C THR B 174 23.47 -37.22 -18.78
N SER B 175 24.52 -36.76 -19.44
CA SER B 175 24.74 -35.34 -19.71
C SER B 175 24.32 -35.01 -21.13
N GLY B 176 23.64 -33.88 -21.29
CA GLY B 176 23.18 -33.45 -22.59
C GLY B 176 21.88 -34.06 -23.06
N VAL B 177 21.23 -34.88 -22.23
CA VAL B 177 19.98 -35.53 -22.59
C VAL B 177 18.83 -34.74 -22.00
N HIS B 178 17.85 -34.41 -22.84
CA HIS B 178 16.68 -33.64 -22.45
C HIS B 178 15.46 -34.44 -22.84
N THR B 179 14.75 -34.97 -21.85
CA THR B 179 13.52 -35.72 -22.07
C THR B 179 12.36 -34.76 -21.91
N PHE B 180 11.55 -34.71 -22.85
CA PHE B 180 10.48 -33.73 -22.84
C PHE B 180 9.24 -34.28 -22.15
N PRO B 181 8.45 -33.41 -21.51
CA PRO B 181 7.22 -33.87 -20.89
C PRO B 181 6.23 -34.39 -21.92
N ALA B 182 5.41 -35.34 -21.50
CA ALA B 182 4.47 -35.97 -22.40
C ALA B 182 3.42 -34.99 -22.88
N VAL B 183 2.94 -35.22 -24.10
CA VAL B 183 1.97 -34.34 -24.73
C VAL B 183 0.75 -35.18 -25.13
N LEU B 184 -0.42 -34.72 -24.71
CA LEU B 184 -1.67 -35.40 -25.06
C LEU B 184 -2.05 -35.07 -26.49
N GLN B 185 -2.17 -36.08 -27.32
CA GLN B 185 -2.59 -35.90 -28.70
C GLN B 185 -4.11 -35.82 -28.77
N SER B 186 -4.62 -35.57 -29.98
CA SER B 186 -6.06 -35.57 -30.18
C SER B 186 -6.65 -36.98 -30.12
N SER B 187 -5.80 -38.00 -30.21
CA SER B 187 -6.26 -39.38 -30.22
C SER B 187 -6.34 -39.99 -28.82
N GLY B 188 -5.94 -39.26 -27.78
CA GLY B 188 -5.97 -39.78 -26.43
C GLY B 188 -4.75 -40.55 -26.02
N LEU B 189 -3.84 -40.83 -26.96
CA LEU B 189 -2.57 -41.46 -26.64
C LEU B 189 -1.58 -40.37 -26.23
N TYR B 190 -0.30 -40.72 -26.10
CA TYR B 190 0.71 -39.76 -25.69
C TYR B 190 1.92 -39.84 -26.62
N SER B 191 2.88 -38.93 -26.40
CA SER B 191 4.11 -38.93 -27.17
C SER B 191 5.22 -38.30 -26.34
N LEU B 192 6.46 -38.62 -26.72
CA LEU B 192 7.62 -38.13 -25.98
C LEU B 192 8.85 -38.21 -26.87
N SER B 193 9.81 -37.34 -26.62
CA SER B 193 11.07 -37.30 -27.37
C SER B 193 12.25 -37.25 -26.41
N SER B 194 13.31 -37.98 -26.73
CA SER B 194 14.54 -37.85 -25.98
C SER B 194 15.67 -37.55 -26.95
N VAL B 195 16.48 -36.54 -26.65
CA VAL B 195 17.54 -36.08 -27.54
C VAL B 195 18.85 -36.00 -26.77
N VAL B 196 19.94 -35.94 -27.52
CA VAL B 196 21.28 -35.82 -26.94
C VAL B 196 22.19 -35.20 -27.99
N THR B 197 23.21 -34.47 -27.53
CA THR B 197 24.16 -33.77 -28.39
C THR B 197 25.53 -34.44 -28.30
N VAL B 198 26.20 -34.56 -29.43
CA VAL B 198 27.40 -35.37 -29.55
C VAL B 198 28.49 -34.61 -30.31
N PRO B 199 29.76 -34.72 -29.90
CA PRO B 199 30.85 -34.15 -30.73
C PRO B 199 30.92 -34.84 -32.08
N SER B 200 31.08 -34.02 -33.12
CA SER B 200 30.90 -34.48 -34.50
C SER B 200 32.18 -35.08 -35.06
N SER B 201 32.56 -36.22 -34.48
CA SER B 201 33.71 -37.00 -34.94
C SER B 201 33.23 -38.43 -35.15
N SER B 202 32.78 -38.72 -36.37
CA SER B 202 32.15 -40.00 -36.73
C SER B 202 30.97 -40.29 -35.81
N LEU B 203 30.22 -39.22 -35.50
CA LEU B 203 29.10 -39.26 -34.55
C LEU B 203 29.54 -39.78 -33.19
N GLY B 204 30.80 -39.53 -32.83
CA GLY B 204 31.39 -40.09 -31.63
C GLY B 204 32.03 -41.45 -31.79
N THR B 205 32.12 -41.97 -33.02
CA THR B 205 32.71 -43.28 -33.32
C THR B 205 32.03 -44.41 -32.56
N GLN B 206 30.76 -44.24 -32.21
CA GLN B 206 30.00 -45.24 -31.49
C GLN B 206 28.57 -45.23 -31.97
N THR B 207 27.89 -46.35 -31.76
CA THR B 207 26.45 -46.40 -31.98
C THR B 207 25.72 -46.12 -30.67
N TYR B 208 24.48 -45.67 -30.81
CA TYR B 208 23.70 -45.23 -29.64
C TYR B 208 22.43 -46.05 -29.52
N ILE B 209 22.11 -46.36 -28.27
CA ILE B 209 21.05 -47.30 -27.88
C ILE B 209 20.14 -46.58 -26.90
N CYS B 210 18.85 -46.49 -27.22
CA CYS B 210 17.90 -45.88 -26.30
C CYS B 210 16.87 -46.92 -25.87
N ASN B 211 16.62 -46.95 -24.57
CA ASN B 211 15.79 -47.94 -23.90
C ASN B 211 14.53 -47.26 -23.36
N VAL B 212 13.41 -47.97 -23.42
CA VAL B 212 12.14 -47.44 -22.97
C VAL B 212 11.40 -48.53 -22.20
N ASN B 213 10.73 -48.13 -21.11
CA ASN B 213 10.00 -49.04 -20.24
C ASN B 213 8.55 -48.65 -20.17
N HIS B 214 7.69 -49.61 -19.88
CA HIS B 214 6.27 -49.34 -19.65
C HIS B 214 5.72 -50.41 -18.71
N LYS B 215 5.58 -50.07 -17.43
CA LYS B 215 5.05 -51.01 -16.46
C LYS B 215 3.60 -51.43 -16.69
N PRO B 216 2.65 -50.55 -17.03
CA PRO B 216 1.27 -51.02 -17.26
C PRO B 216 1.14 -52.08 -18.34
N SER B 217 2.00 -52.07 -19.35
CA SER B 217 1.96 -53.09 -20.40
C SER B 217 3.09 -54.10 -20.30
N ASN B 218 4.05 -53.88 -19.39
CA ASN B 218 5.19 -54.78 -19.19
C ASN B 218 5.99 -55.00 -20.48
N THR B 219 6.25 -53.93 -21.21
CA THR B 219 7.03 -53.99 -22.43
C THR B 219 8.38 -53.30 -22.24
N LYS B 220 9.40 -53.83 -22.94
CA LYS B 220 10.76 -53.29 -22.91
C LYS B 220 11.31 -53.42 -24.33
N VAL B 221 11.15 -52.37 -25.13
CA VAL B 221 11.60 -52.38 -26.51
C VAL B 221 12.79 -51.44 -26.64
N ASP B 222 13.73 -51.80 -27.50
CA ASP B 222 15.00 -51.12 -27.62
C ASP B 222 15.15 -50.48 -28.99
N LYS B 223 16.04 -49.49 -29.10
CA LYS B 223 16.32 -48.94 -30.41
C LYS B 223 17.81 -48.62 -30.55
N LYS B 224 18.34 -48.92 -31.73
CA LYS B 224 19.70 -48.56 -32.13
C LYS B 224 19.63 -47.54 -33.24
N VAL B 225 20.26 -46.39 -33.04
CA VAL B 225 20.18 -45.27 -33.98
C VAL B 225 21.50 -45.14 -34.74
N GLU B 226 21.40 -45.00 -36.07
CA GLU B 226 22.56 -45.01 -36.95
C GLU B 226 22.46 -43.84 -37.92
N PRO B 227 23.53 -43.07 -38.12
CA PRO B 227 23.47 -41.94 -39.05
C PRO B 227 23.35 -42.41 -40.50
N LYS B 228 22.62 -41.63 -41.29
CA LYS B 228 22.42 -41.95 -42.70
C LYS B 228 23.08 -40.92 -43.61
N GLN C 3 6.04 6.09 -41.91
CA GLN C 3 7.28 5.39 -41.62
C GLN C 3 7.64 5.49 -40.14
N VAL C 4 8.69 4.77 -39.74
CA VAL C 4 9.20 4.82 -38.38
C VAL C 4 10.69 5.08 -38.45
N GLN C 5 11.16 6.06 -37.69
CA GLN C 5 12.56 6.45 -37.71
C GLN C 5 13.17 6.37 -36.31
N LEU C 6 14.41 5.92 -36.24
CA LEU C 6 15.15 5.83 -34.99
C LEU C 6 16.46 6.59 -35.15
N GLN C 7 16.75 7.48 -34.19
CA GLN C 7 17.92 8.34 -34.27
C GLN C 7 18.86 8.02 -33.12
N GLU C 8 20.11 7.71 -33.44
CA GLU C 8 21.14 7.42 -32.45
C GLU C 8 22.15 8.56 -32.44
N SER C 9 22.37 9.15 -31.27
CA SER C 9 23.15 10.36 -31.13
C SER C 9 24.25 10.14 -30.09
N GLY C 10 25.49 10.07 -30.56
CA GLY C 10 26.61 10.00 -29.64
C GLY C 10 27.84 9.46 -30.34
N GLY C 11 28.84 9.16 -29.53
CA GLY C 11 30.00 8.45 -30.01
C GLY C 11 31.08 9.38 -30.54
N GLY C 12 32.30 8.86 -30.55
CA GLY C 12 33.45 9.61 -31.00
C GLY C 12 34.71 8.99 -30.47
N LEU C 13 35.83 9.59 -30.85
CA LEU C 13 37.14 9.09 -30.42
C LEU C 13 37.32 9.38 -28.93
N VAL C 14 37.35 8.33 -28.13
CA VAL C 14 37.39 8.43 -26.68
C VAL C 14 38.60 7.67 -26.18
N GLN C 15 39.24 8.21 -25.15
CA GLN C 15 40.46 7.62 -24.61
C GLN C 15 40.18 6.23 -24.05
N PRO C 16 41.16 5.33 -24.14
CA PRO C 16 41.01 4.00 -23.52
C PRO C 16 40.83 4.12 -22.01
N GLY C 17 40.01 3.23 -21.47
CA GLY C 17 39.65 3.30 -20.07
C GLY C 17 38.59 4.33 -19.75
N GLY C 18 37.99 4.93 -20.75
CA GLY C 18 37.11 6.06 -20.57
C GLY C 18 35.68 5.66 -20.32
N SER C 19 34.76 6.52 -20.74
CA SER C 19 33.33 6.32 -20.54
C SER C 19 32.59 7.05 -21.64
N LEU C 20 31.33 6.67 -21.83
CA LEU C 20 30.49 7.32 -22.83
C LEU C 20 29.05 7.19 -22.35
N ARG C 21 28.10 7.68 -23.16
CA ARG C 21 26.67 7.47 -23.04
C ARG C 21 26.00 7.73 -24.38
N LEU C 22 25.01 6.90 -24.75
CA LEU C 22 24.33 7.01 -26.04
C LEU C 22 22.82 6.99 -25.82
N SER C 23 22.08 7.48 -26.80
CA SER C 23 20.62 7.56 -26.69
C SER C 23 19.95 7.24 -28.02
N CYS C 24 18.71 6.77 -27.96
CA CYS C 24 17.93 6.46 -29.16
C CYS C 24 16.64 7.27 -29.12
N ALA C 25 16.33 7.92 -30.23
CA ALA C 25 15.20 8.85 -30.31
C ALA C 25 14.03 8.19 -31.04
N ALA C 26 12.85 8.28 -30.43
CA ALA C 26 11.69 7.53 -30.90
C ALA C 26 10.85 8.38 -31.85
N SER C 27 11.35 8.51 -33.07
CA SER C 27 10.63 9.27 -34.09
C SER C 27 9.53 8.42 -34.70
N GLY C 28 8.47 9.08 -35.14
CA GLY C 28 7.38 8.40 -35.86
C GLY C 28 6.22 8.03 -34.92
N ARG C 29 5.99 6.73 -34.77
CA ARG C 29 4.87 6.22 -33.99
C ARG C 29 5.22 5.99 -32.53
N THR C 30 6.40 6.44 -32.08
CA THR C 30 6.86 6.41 -30.69
C THR C 30 7.09 4.96 -30.23
N ILE C 31 7.72 4.78 -29.06
CA ILE C 31 8.03 3.43 -28.60
C ILE C 31 6.75 2.68 -28.24
N SER C 32 5.79 3.36 -27.62
CA SER C 32 4.59 2.73 -27.05
C SER C 32 5.05 1.68 -26.05
N ARG C 33 4.34 0.55 -25.95
CA ARG C 33 4.69 -0.50 -25.00
C ARG C 33 5.59 -1.57 -25.63
N TYR C 34 6.66 -1.13 -26.27
CA TYR C 34 7.61 -2.01 -26.95
C TYR C 34 8.86 -2.18 -26.10
N ALA C 35 9.82 -2.92 -26.65
CA ALA C 35 11.13 -3.08 -26.05
C ALA C 35 12.22 -2.65 -27.03
N MET C 36 13.34 -2.19 -26.48
CA MET C 36 14.42 -1.56 -27.25
C MET C 36 15.68 -2.42 -27.24
N SER C 37 16.28 -2.62 -28.41
CA SER C 37 17.43 -3.50 -28.53
C SER C 37 18.66 -2.75 -29.03
N TRP C 38 19.78 -2.91 -28.33
CA TRP C 38 21.05 -2.28 -28.69
C TRP C 38 22.05 -3.34 -29.14
N PHE C 39 22.64 -3.09 -30.33
CA PHE C 39 23.48 -4.04 -31.07
C PHE C 39 24.84 -3.43 -31.43
N ARG C 40 25.85 -4.29 -31.54
CA ARG C 40 27.15 -3.95 -32.08
C ARG C 40 27.18 -4.21 -33.58
N GLN C 41 28.24 -3.73 -34.24
CA GLN C 41 28.64 -4.23 -35.56
C GLN C 41 30.14 -4.00 -35.68
N ALA C 42 30.91 -5.07 -35.51
CA ALA C 42 32.37 -4.96 -35.59
C ALA C 42 32.81 -4.76 -37.03
N PRO C 43 33.98 -4.13 -37.25
CA PRO C 43 34.43 -3.88 -38.64
C PRO C 43 34.64 -5.13 -39.46
N GLY C 44 35.09 -6.23 -38.87
CA GLY C 44 35.38 -7.43 -39.65
C GLY C 44 34.49 -8.61 -39.36
N LYS C 45 33.39 -8.39 -38.63
CA LYS C 45 32.47 -9.46 -38.25
C LYS C 45 31.01 -9.08 -38.48
N GLU C 46 30.10 -9.89 -37.95
CA GLU C 46 28.66 -9.70 -38.03
C GLU C 46 28.14 -9.09 -36.73
N ARG C 47 26.93 -8.53 -36.80
CA ARG C 47 26.28 -7.91 -35.64
C ARG C 47 26.23 -8.88 -34.47
N GLU C 48 26.43 -8.35 -33.27
CA GLU C 48 26.30 -9.15 -32.06
C GLU C 48 25.39 -8.43 -31.08
N PHE C 49 24.70 -9.22 -30.26
CA PHE C 49 23.76 -8.69 -29.29
C PHE C 49 24.52 -8.03 -28.14
N VAL C 50 24.07 -6.82 -27.75
CA VAL C 50 24.66 -6.09 -26.64
C VAL C 50 23.71 -6.05 -25.45
N ALA C 51 22.51 -5.50 -25.63
CA ALA C 51 21.58 -5.43 -24.50
C ALA C 51 20.16 -5.12 -24.98
N VAL C 52 19.20 -5.26 -24.06
CA VAL C 52 17.79 -5.02 -24.36
C VAL C 52 17.12 -4.49 -23.11
N ALA C 53 16.17 -3.57 -23.29
CA ALA C 53 15.32 -3.06 -22.23
C ALA C 53 13.86 -3.30 -22.56
N ARG C 54 13.15 -3.95 -21.65
CA ARG C 54 11.75 -4.32 -21.83
C ARG C 54 10.83 -3.28 -21.18
N ARG C 55 9.55 -3.64 -21.05
CA ARG C 55 8.53 -2.78 -20.46
C ARG C 55 8.89 -2.40 -19.03
N SER C 56 8.13 -1.42 -18.50
CA SER C 56 8.55 -0.71 -17.29
C SER C 56 8.59 -1.64 -16.07
N GLY C 57 7.59 -2.50 -15.90
CA GLY C 57 7.59 -3.41 -14.78
C GLY C 57 8.64 -4.50 -14.90
N ASP C 58 9.04 -4.83 -16.12
CA ASP C 58 9.93 -5.93 -16.41
C ASP C 58 11.37 -5.45 -16.40
N GLY C 59 12.32 -6.36 -16.60
CA GLY C 59 13.72 -6.08 -16.38
C GLY C 59 14.47 -5.69 -17.63
N ALA C 60 15.80 -5.72 -17.53
CA ALA C 60 16.70 -5.45 -18.64
C ALA C 60 17.72 -6.57 -18.73
N PHE C 61 18.06 -6.95 -19.96
CA PHE C 61 18.83 -8.15 -20.20
C PHE C 61 20.10 -7.82 -20.98
N TYR C 62 21.17 -8.55 -20.69
CA TYR C 62 22.49 -8.24 -21.23
C TYR C 62 23.12 -9.48 -21.85
N ALA C 63 24.06 -9.24 -22.75
CA ALA C 63 24.91 -10.30 -23.28
C ALA C 63 25.98 -10.64 -22.25
N ASP C 64 26.80 -11.62 -22.57
CA ASP C 64 27.76 -12.10 -21.58
C ASP C 64 28.88 -11.10 -21.33
N SER C 65 29.49 -10.59 -22.41
CA SER C 65 30.68 -9.75 -22.31
C SER C 65 30.34 -8.34 -21.83
N VAL C 66 29.25 -7.79 -22.35
CA VAL C 66 28.85 -6.42 -22.08
C VAL C 66 28.44 -6.21 -20.63
N GLN C 67 27.81 -7.21 -20.02
CA GLN C 67 27.32 -7.08 -18.65
C GLN C 67 28.46 -6.84 -17.67
N GLY C 68 28.19 -6.02 -16.66
CA GLY C 68 29.18 -5.58 -15.70
C GLY C 68 29.74 -4.21 -15.98
N ARG C 69 29.60 -3.72 -17.20
CA ARG C 69 30.05 -2.40 -17.61
C ARG C 69 28.93 -1.52 -18.12
N PHE C 70 28.07 -2.02 -18.99
CA PHE C 70 27.03 -1.19 -19.56
C PHE C 70 25.87 -1.07 -18.57
N THR C 71 24.88 -0.28 -18.94
CA THR C 71 23.61 -0.21 -18.22
C THR C 71 22.60 0.43 -19.15
N VAL C 72 21.42 -0.17 -19.23
CA VAL C 72 20.37 0.30 -20.13
C VAL C 72 19.24 0.86 -19.31
N SER C 73 18.80 2.06 -19.67
CA SER C 73 17.70 2.70 -18.96
C SER C 73 16.80 3.35 -19.98
N ARG C 74 15.65 3.82 -19.52
CA ARG C 74 14.69 4.47 -20.41
C ARG C 74 13.99 5.59 -19.68
N ASP C 75 13.43 6.51 -20.47
CA ASP C 75 12.48 7.51 -19.97
C ASP C 75 11.30 7.58 -20.94
N ASP C 76 10.13 7.15 -20.44
CA ASP C 76 8.91 7.12 -21.23
C ASP C 76 8.37 8.53 -21.45
N ALA C 77 8.72 9.46 -20.55
CA ALA C 77 8.25 10.84 -20.67
C ALA C 77 8.81 11.48 -21.93
N LYS C 78 10.12 11.42 -22.11
CA LYS C 78 10.76 11.88 -23.34
C LYS C 78 10.73 10.83 -24.44
N ASN C 79 10.33 9.60 -24.11
CA ASN C 79 10.30 8.48 -25.05
C ASN C 79 11.68 8.24 -25.66
N THR C 80 12.68 8.07 -24.80
CA THR C 80 14.02 7.73 -25.24
C THR C 80 14.57 6.59 -24.38
N VAL C 81 15.64 5.98 -24.87
CA VAL C 81 16.37 4.94 -24.14
C VAL C 81 17.85 5.25 -24.20
N TYR C 82 18.53 5.03 -23.08
CA TYR C 82 19.94 5.38 -22.93
C TYR C 82 20.77 4.15 -22.64
N LEU C 83 21.98 4.16 -23.18
CA LEU C 83 22.98 3.13 -22.95
C LEU C 83 24.18 3.78 -22.29
N GLN C 84 24.67 3.19 -21.21
CA GLN C 84 25.80 3.73 -20.47
C GLN C 84 26.95 2.74 -20.52
N MET C 85 28.15 3.24 -20.77
CA MET C 85 29.34 2.41 -20.83
C MET C 85 30.24 2.68 -19.62
N ASN C 86 31.27 1.86 -19.47
CA ASN C 86 32.23 2.01 -18.39
C ASN C 86 33.44 1.14 -18.69
N SER C 87 34.63 1.65 -18.35
CA SER C 87 35.89 0.91 -18.44
C SER C 87 36.12 0.33 -19.83
N LEU C 88 36.16 1.23 -20.81
CA LEU C 88 36.21 0.78 -22.20
C LEU C 88 37.53 0.09 -22.50
N LYS C 89 37.52 -0.72 -23.56
CA LYS C 89 38.63 -1.57 -23.96
C LYS C 89 38.85 -1.42 -25.46
N PRO C 90 40.03 -1.78 -25.97
CA PRO C 90 40.28 -1.64 -27.41
C PRO C 90 39.38 -2.49 -28.29
N GLU C 91 38.74 -3.52 -27.76
CA GLU C 91 37.85 -4.39 -28.54
C GLU C 91 36.43 -3.88 -28.59
N ASP C 92 36.12 -2.75 -27.97
CA ASP C 92 34.76 -2.25 -27.93
C ASP C 92 34.38 -1.41 -29.15
N THR C 93 35.34 -1.10 -30.01
CA THR C 93 35.07 -0.20 -31.13
C THR C 93 34.29 -0.91 -32.23
N ALA C 94 33.19 -0.31 -32.65
CA ALA C 94 32.26 -0.88 -33.62
C ALA C 94 31.24 0.19 -33.96
N VAL C 95 30.33 -0.14 -34.87
CA VAL C 95 29.22 0.74 -35.21
C VAL C 95 27.98 0.21 -34.51
N TYR C 96 27.32 1.07 -33.74
CA TYR C 96 26.30 0.64 -32.81
C TYR C 96 24.91 0.98 -33.35
N TYR C 97 23.97 0.04 -33.20
CA TYR C 97 22.66 0.13 -33.82
C TYR C 97 21.55 -0.03 -32.79
N CYS C 98 20.41 0.58 -33.10
CA CYS C 98 19.23 0.58 -32.24
C CYS C 98 18.08 -0.01 -33.04
N ALA C 99 17.33 -0.94 -32.46
CA ALA C 99 16.29 -1.61 -33.20
C ALA C 99 15.06 -1.85 -32.34
N ILE C 100 13.93 -2.04 -33.04
CA ILE C 100 12.61 -2.25 -32.45
C ILE C 100 12.10 -3.61 -32.88
N ASP C 101 11.32 -4.25 -32.01
CA ASP C 101 10.62 -5.49 -32.36
C ASP C 101 9.12 -5.24 -32.37
N SER C 102 8.48 -5.60 -33.48
CA SER C 102 7.11 -5.18 -33.77
C SER C 102 6.09 -6.19 -33.22
N ASP C 103 6.11 -6.35 -31.90
CA ASP C 103 5.15 -7.21 -31.21
C ASP C 103 5.13 -6.81 -29.75
N THR C 104 4.18 -7.39 -29.00
CA THR C 104 4.05 -7.11 -27.59
C THR C 104 4.31 -8.31 -26.69
N PHE C 105 4.47 -9.50 -27.27
CA PHE C 105 4.70 -10.73 -26.51
C PHE C 105 6.16 -11.13 -26.49
N TYR C 106 7.07 -10.18 -26.74
CA TYR C 106 8.51 -10.36 -26.57
C TYR C 106 9.06 -11.43 -27.51
N SER C 107 8.53 -11.48 -28.72
CA SER C 107 9.08 -12.30 -29.80
C SER C 107 9.80 -11.35 -30.74
N GLY C 108 11.14 -11.36 -30.68
CA GLY C 108 11.93 -10.34 -31.35
C GLY C 108 11.91 -10.37 -32.85
N SER C 109 11.26 -9.38 -33.45
CA SER C 109 11.28 -9.19 -34.91
C SER C 109 11.89 -7.82 -35.15
N TYR C 110 13.23 -7.79 -35.19
CA TYR C 110 13.99 -6.56 -35.31
C TYR C 110 13.94 -6.09 -36.75
N ASP C 111 13.03 -5.17 -37.07
CA ASP C 111 12.78 -4.78 -38.45
C ASP C 111 12.85 -3.28 -38.66
N TYR C 112 13.24 -2.51 -37.65
CA TYR C 112 13.22 -1.05 -37.69
C TYR C 112 14.59 -0.50 -37.30
N TRP C 113 15.64 -1.00 -37.96
CA TRP C 113 16.98 -0.53 -37.68
C TRP C 113 17.10 0.98 -37.89
N GLY C 114 17.95 1.60 -37.09
CA GLY C 114 18.26 3.00 -37.29
C GLY C 114 19.29 3.19 -38.37
N GLN C 115 20.33 3.99 -38.11
CA GLN C 115 21.36 4.23 -39.10
C GLN C 115 22.77 3.91 -38.63
N GLY C 116 22.97 3.63 -37.36
CA GLY C 116 24.29 3.32 -36.84
C GLY C 116 24.92 4.48 -36.11
N THR C 117 26.05 4.21 -35.47
CA THR C 117 26.82 5.22 -34.76
C THR C 117 28.23 4.70 -34.55
N GLN C 118 29.22 5.44 -35.02
CA GLN C 118 30.60 4.98 -34.96
C GLN C 118 31.23 5.34 -33.62
N VAL C 119 31.82 4.34 -32.97
CA VAL C 119 32.48 4.51 -31.68
C VAL C 119 33.91 4.03 -31.82
N THR C 120 34.87 4.92 -31.55
CA THR C 120 36.28 4.61 -31.72
C THR C 120 36.99 4.68 -30.37
N VAL C 121 37.83 3.69 -30.11
CA VAL C 121 38.69 3.69 -28.94
C VAL C 121 40.12 3.56 -29.40
N SER C 122 41.06 4.06 -28.58
CA SER C 122 42.45 4.29 -28.97
C SER C 122 42.54 5.08 -30.27
N ASP D 2 -19.75 -13.18 -7.75
CA ASP D 2 -18.36 -13.59 -7.56
C ASP D 2 -17.51 -12.40 -7.14
N ILE D 3 -16.34 -12.68 -6.60
CA ILE D 3 -15.36 -11.66 -6.24
C ILE D 3 -14.10 -12.00 -7.02
N GLN D 4 -13.91 -11.35 -8.16
CA GLN D 4 -12.70 -11.52 -8.94
C GLN D 4 -11.52 -10.90 -8.21
N MET D 5 -10.33 -11.45 -8.46
CA MET D 5 -9.17 -10.94 -7.77
C MET D 5 -7.97 -11.17 -8.69
N THR D 6 -7.28 -10.10 -9.08
CA THR D 6 -6.25 -10.17 -10.12
C THR D 6 -4.85 -10.00 -9.53
N GLN D 7 -3.93 -10.82 -10.02
CA GLN D 7 -2.57 -10.91 -9.51
C GLN D 7 -1.59 -10.43 -10.56
N SER D 8 -0.51 -9.79 -10.12
CA SER D 8 0.52 -9.35 -11.04
C SER D 8 1.87 -9.25 -10.34
N PRO D 9 2.99 -9.59 -11.02
CA PRO D 9 3.17 -10.02 -12.43
C PRO D 9 2.76 -11.46 -12.71
N SER D 10 3.32 -12.10 -13.72
CA SER D 10 3.06 -13.51 -13.97
C SER D 10 4.30 -14.38 -13.92
N SER D 11 5.45 -13.90 -14.36
CA SER D 11 6.65 -14.73 -14.48
C SER D 11 7.90 -13.98 -14.06
N LEU D 12 7.89 -13.42 -12.86
CA LEU D 12 8.99 -12.60 -12.36
C LEU D 12 10.35 -13.31 -12.44
N SER D 13 11.36 -12.59 -12.90
CA SER D 13 12.73 -13.08 -12.99
C SER D 13 13.61 -12.30 -12.02
N ALA D 14 14.30 -13.01 -11.14
CA ALA D 14 15.05 -12.36 -10.08
C ALA D 14 16.25 -13.21 -9.70
N SER D 15 17.07 -12.70 -8.80
CA SER D 15 18.26 -13.38 -8.33
C SER D 15 18.33 -13.31 -6.82
N VAL D 16 19.28 -14.04 -6.25
CA VAL D 16 19.39 -14.17 -4.80
C VAL D 16 19.80 -12.84 -4.21
N GLY D 17 18.98 -12.32 -3.29
CA GLY D 17 19.23 -11.06 -2.62
C GLY D 17 18.33 -9.94 -3.04
N ASP D 18 17.58 -10.08 -4.13
CA ASP D 18 16.67 -9.02 -4.53
C ASP D 18 15.47 -8.93 -3.59
N ARG D 19 14.78 -7.81 -3.67
CA ARG D 19 13.55 -7.58 -2.95
C ARG D 19 12.39 -7.67 -3.93
N VAL D 20 11.48 -8.62 -3.68
CA VAL D 20 10.41 -8.99 -4.60
C VAL D 20 9.08 -8.47 -4.08
N THR D 21 8.23 -8.01 -4.98
CA THR D 21 6.93 -7.48 -4.61
C THR D 21 5.86 -7.99 -5.56
N ILE D 22 4.79 -8.58 -5.02
CA ILE D 22 3.65 -9.05 -5.80
C ILE D 22 2.42 -8.30 -5.36
N THR D 23 1.58 -7.92 -6.32
CA THR D 23 0.37 -7.14 -6.04
C THR D 23 -0.86 -7.98 -6.38
N CYS D 24 -1.87 -7.89 -5.53
CA CYS D 24 -3.15 -8.54 -5.74
C CYS D 24 -4.23 -7.48 -5.54
N ARG D 25 -5.30 -7.58 -6.33
CA ARG D 25 -6.33 -6.54 -6.40
C ARG D 25 -7.72 -7.16 -6.37
N ALA D 26 -8.56 -6.68 -5.45
CA ALA D 26 -9.90 -7.20 -5.27
C ALA D 26 -10.93 -6.33 -5.98
N SER D 27 -12.09 -6.91 -6.24
CA SER D 27 -13.17 -6.18 -6.88
C SER D 27 -14.16 -5.56 -5.90
N GLN D 28 -14.20 -6.05 -4.66
CA GLN D 28 -15.07 -5.52 -3.61
C GLN D 28 -14.22 -5.19 -2.41
N SER D 29 -14.87 -4.82 -1.31
CA SER D 29 -14.22 -4.77 -0.01
C SER D 29 -14.43 -6.10 0.70
N VAL D 30 -13.35 -6.82 0.92
CA VAL D 30 -13.40 -8.07 1.67
C VAL D 30 -12.83 -7.89 3.07
N SER D 31 -12.72 -6.64 3.53
CA SER D 31 -12.07 -6.26 4.81
C SER D 31 -10.62 -6.73 4.71
N SER D 32 -10.04 -7.26 5.77
CA SER D 32 -8.67 -7.75 5.74
C SER D 32 -8.61 -9.28 5.75
N ALA D 33 -9.57 -9.93 5.11
CA ALA D 33 -9.65 -11.39 5.09
C ALA D 33 -9.03 -11.90 3.79
N VAL D 34 -7.69 -11.87 3.75
CA VAL D 34 -6.90 -12.21 2.58
C VAL D 34 -5.71 -13.04 3.02
N ALA D 35 -5.41 -14.11 2.27
CA ALA D 35 -4.30 -15.01 2.60
C ALA D 35 -3.39 -15.23 1.40
N TRP D 36 -2.15 -15.64 1.70
CA TRP D 36 -1.11 -15.93 0.72
C TRP D 36 -0.58 -17.34 0.94
N TYR D 37 -0.39 -18.08 -0.16
CA TYR D 37 0.06 -19.49 -0.12
C TYR D 37 1.27 -19.68 -1.03
N GLN D 38 2.05 -20.72 -0.74
CA GLN D 38 3.21 -21.10 -1.54
C GLN D 38 3.08 -22.56 -1.98
N GLN D 39 3.38 -22.84 -3.25
CA GLN D 39 3.34 -24.19 -3.78
C GLN D 39 4.56 -24.49 -4.65
N LYS D 40 5.13 -25.67 -4.46
CA LYS D 40 6.22 -26.29 -5.20
C LYS D 40 5.67 -27.37 -6.13
N PRO D 41 6.41 -27.74 -7.19
CA PRO D 41 5.87 -28.71 -8.15
C PRO D 41 5.66 -30.09 -7.53
N GLY D 42 4.45 -30.62 -7.70
CA GLY D 42 4.05 -31.89 -7.14
C GLY D 42 3.93 -31.94 -5.63
N LYS D 43 3.42 -30.87 -5.02
CA LYS D 43 3.22 -30.80 -3.58
C LYS D 43 1.92 -30.04 -3.33
N ALA D 44 1.60 -29.80 -2.03
CA ALA D 44 0.41 -29.15 -1.54
C ALA D 44 0.70 -27.71 -1.14
N PRO D 45 -0.28 -26.81 -1.18
CA PRO D 45 -0.03 -25.42 -0.79
C PRO D 45 0.20 -25.23 0.71
N LYS D 46 0.94 -24.17 1.04
CA LYS D 46 1.28 -23.82 2.42
C LYS D 46 0.88 -22.38 2.72
N LEU D 47 0.37 -22.15 3.92
CA LEU D 47 -0.06 -20.82 4.33
C LEU D 47 1.12 -20.01 4.84
N LEU D 48 1.19 -18.73 4.42
CA LEU D 48 2.20 -17.82 4.94
C LEU D 48 1.58 -16.67 5.72
N ILE D 49 0.68 -15.90 5.12
CA ILE D 49 0.07 -14.73 5.73
C ILE D 49 -1.42 -15.00 5.81
N TYR D 50 -2.03 -14.80 6.99
CA TYR D 50 -3.42 -15.22 7.13
C TYR D 50 -4.43 -14.13 7.39
N SER D 51 -4.04 -12.88 7.62
CA SER D 51 -5.09 -11.90 7.84
C SER D 51 -4.77 -10.58 7.16
N ALA D 52 -4.09 -10.66 6.02
CA ALA D 52 -3.52 -9.59 5.20
C ALA D 52 -2.28 -8.98 5.84
N SER D 53 -1.98 -9.30 7.09
CA SER D 53 -0.74 -8.81 7.67
C SER D 53 -0.10 -9.74 8.69
N SER D 54 -0.67 -10.89 8.99
CA SER D 54 -0.25 -11.69 10.15
C SER D 54 0.53 -12.91 9.69
N LEU D 55 1.60 -13.21 10.41
CA LEU D 55 2.50 -14.27 10.05
C LEU D 55 2.06 -15.57 10.72
N TYR D 56 1.81 -16.60 9.92
CA TYR D 56 1.51 -17.91 10.46
C TYR D 56 2.71 -18.48 11.19
N SER D 57 2.45 -19.26 12.22
CA SER D 57 3.49 -19.72 13.13
C SER D 57 4.40 -20.71 12.43
N GLY D 58 5.63 -20.28 12.12
CA GLY D 58 6.59 -21.17 11.51
C GLY D 58 7.28 -20.63 10.28
N VAL D 59 6.59 -19.85 9.45
CA VAL D 59 7.20 -19.35 8.23
C VAL D 59 8.20 -18.28 8.64
N PRO D 60 9.28 -18.10 7.88
CA PRO D 60 10.29 -17.11 8.27
C PRO D 60 9.79 -15.68 8.16
N SER D 61 10.48 -14.79 8.86
CA SER D 61 10.03 -13.42 9.04
C SER D 61 10.33 -12.50 7.88
N ARG D 62 10.98 -12.99 6.82
CA ARG D 62 11.29 -12.17 5.66
C ARG D 62 10.10 -12.00 4.73
N PHE D 63 8.99 -12.66 5.00
CA PHE D 63 7.75 -12.46 4.27
C PHE D 63 6.90 -11.42 4.98
N SER D 64 6.35 -10.47 4.22
CA SER D 64 5.44 -9.52 4.85
C SER D 64 4.27 -9.25 3.92
N GLY D 65 3.14 -8.89 4.52
CA GLY D 65 1.96 -8.55 3.75
C GLY D 65 1.42 -7.23 4.21
N SER D 66 0.83 -6.50 3.27
CA SER D 66 0.33 -5.17 3.56
C SER D 66 -1.00 -4.95 2.87
N ARG D 67 -1.88 -4.20 3.53
CA ARG D 67 -3.17 -3.79 2.99
C ARG D 67 -3.23 -2.28 2.87
N SER D 68 -3.81 -1.79 1.78
CA SER D 68 -4.08 -0.36 1.65
C SER D 68 -5.34 -0.20 0.80
N GLY D 69 -6.49 -0.18 1.46
CA GLY D 69 -7.74 -0.24 0.73
C GLY D 69 -8.01 -1.64 0.23
N THR D 70 -8.34 -1.77 -1.05
CA THR D 70 -8.57 -3.04 -1.70
C THR D 70 -7.35 -3.55 -2.47
N ASP D 71 -6.17 -3.01 -2.18
CA ASP D 71 -4.94 -3.40 -2.85
C ASP D 71 -4.03 -4.07 -1.82
N PHE D 72 -3.53 -5.24 -2.15
CA PHE D 72 -2.76 -6.05 -1.19
C PHE D 72 -1.40 -6.37 -1.78
N THR D 73 -0.38 -6.39 -0.94
CA THR D 73 0.99 -6.52 -1.39
C THR D 73 1.72 -7.56 -0.57
N LEU D 74 2.31 -8.54 -1.24
CA LEU D 74 3.22 -9.48 -0.59
C LEU D 74 4.64 -9.08 -0.96
N THR D 75 5.50 -9.00 0.05
CA THR D 75 6.87 -8.58 -0.14
C THR D 75 7.79 -9.64 0.43
N ILE D 76 8.82 -10.01 -0.33
CA ILE D 76 9.92 -10.83 0.16
C ILE D 76 11.16 -9.93 0.16
N SER D 77 11.68 -9.63 1.34
CA SER D 77 12.68 -8.58 1.48
C SER D 77 14.04 -9.05 0.97
N SER D 78 14.43 -10.27 1.29
CA SER D 78 15.61 -10.89 0.74
C SER D 78 15.22 -12.29 0.29
N LEU D 79 15.96 -12.83 -0.66
CA LEU D 79 15.57 -14.05 -1.33
C LEU D 79 16.63 -15.12 -1.11
N GLN D 80 16.19 -16.34 -0.93
CA GLN D 80 17.07 -17.49 -0.82
C GLN D 80 16.70 -18.53 -1.86
N PRO D 81 17.61 -19.44 -2.20
CA PRO D 81 17.31 -20.41 -3.27
C PRO D 81 16.07 -21.25 -3.04
N GLU D 82 15.67 -21.46 -1.80
CA GLU D 82 14.41 -22.14 -1.50
C GLU D 82 13.23 -21.17 -1.38
N ASP D 83 13.11 -20.26 -2.35
CA ASP D 83 11.98 -19.38 -2.47
C ASP D 83 11.45 -19.30 -3.88
N PHE D 84 12.03 -20.04 -4.82
CA PHE D 84 11.57 -20.09 -6.20
C PHE D 84 10.45 -21.09 -6.29
N ALA D 85 9.22 -20.60 -6.41
CA ALA D 85 8.03 -21.43 -6.33
C ALA D 85 6.92 -20.68 -7.03
N THR D 86 5.68 -21.11 -6.82
CA THR D 86 4.51 -20.33 -7.23
C THR D 86 3.79 -19.83 -5.99
N TYR D 87 3.27 -18.62 -6.06
CA TYR D 87 2.66 -17.96 -4.93
C TYR D 87 1.25 -17.56 -5.30
N TYR D 88 0.32 -17.78 -4.36
CA TYR D 88 -1.10 -17.64 -4.62
C TYR D 88 -1.75 -16.69 -3.62
N CYS D 89 -2.81 -16.05 -4.09
CA CYS D 89 -3.65 -15.10 -3.36
C CYS D 89 -5.02 -15.72 -3.15
N GLN D 90 -5.66 -15.46 -2.00
CA GLN D 90 -7.03 -15.91 -1.77
C GLN D 90 -7.80 -14.91 -0.91
N GLN D 91 -9.09 -14.75 -1.22
CA GLN D 91 -10.02 -14.08 -0.32
C GLN D 91 -10.98 -15.08 0.33
N TYR D 92 -11.35 -14.80 1.58
CA TYR D 92 -12.25 -15.68 2.32
C TYR D 92 -13.15 -14.81 3.19
N LEU D 93 -14.31 -14.45 2.67
CA LEU D 93 -15.23 -13.65 3.47
C LEU D 93 -16.29 -14.47 4.17
N TYR D 94 -16.51 -15.70 3.73
CA TYR D 94 -17.51 -16.59 4.27
C TYR D 94 -17.16 -17.99 3.77
N TYR D 95 -17.91 -18.98 4.25
CA TYR D 95 -17.62 -20.37 3.91
C TYR D 95 -17.88 -20.67 2.44
N SER D 96 -18.96 -20.15 1.89
CA SER D 96 -19.39 -20.57 0.58
C SER D 96 -18.86 -19.69 -0.55
N LEU D 97 -17.99 -18.74 -0.26
CA LEU D 97 -17.47 -17.84 -1.29
C LEU D 97 -15.97 -17.69 -1.12
N VAL D 98 -15.20 -18.39 -1.95
CA VAL D 98 -13.77 -18.51 -1.82
C VAL D 98 -13.15 -18.45 -3.22
N THR D 99 -12.23 -17.52 -3.43
CA THR D 99 -11.66 -17.24 -4.74
C THR D 99 -10.15 -17.07 -4.64
N PHE D 100 -9.46 -17.66 -5.61
CA PHE D 100 -8.01 -17.67 -5.73
C PHE D 100 -7.56 -16.82 -6.90
N GLY D 101 -6.30 -16.41 -6.86
CA GLY D 101 -5.66 -15.69 -7.95
C GLY D 101 -5.10 -16.63 -9.01
N GLN D 102 -4.19 -16.10 -9.82
CA GLN D 102 -3.67 -16.83 -10.96
C GLN D 102 -2.31 -17.45 -10.71
N GLY D 103 -1.55 -16.93 -9.76
CA GLY D 103 -0.23 -17.43 -9.48
C GLY D 103 0.84 -16.61 -10.15
N THR D 104 2.01 -16.56 -9.53
CA THR D 104 3.15 -15.84 -10.06
C THR D 104 4.36 -16.71 -9.85
N LYS D 105 4.85 -17.32 -10.91
CA LYS D 105 6.05 -18.14 -10.85
C LYS D 105 7.27 -17.25 -10.90
N VAL D 106 8.22 -17.48 -10.01
CA VAL D 106 9.44 -16.69 -9.98
C VAL D 106 10.61 -17.57 -10.42
N GLU D 107 11.40 -17.09 -11.40
CA GLU D 107 12.48 -17.85 -11.98
C GLU D 107 13.84 -17.27 -11.58
N ILE D 108 14.90 -17.78 -12.19
CA ILE D 108 16.26 -17.30 -11.97
C ILE D 108 16.70 -16.46 -13.17
N LYS D 109 17.55 -15.47 -12.90
CA LYS D 109 18.05 -14.51 -13.88
C LYS D 109 19.44 -14.90 -14.37
N ARG D 110 19.68 -14.77 -15.68
CA ARG D 110 20.98 -15.09 -16.25
C ARG D 110 21.20 -14.23 -17.50
N THR D 111 22.31 -14.48 -18.20
CA THR D 111 22.72 -13.74 -19.39
C THR D 111 22.14 -14.38 -20.65
N VAL D 112 22.01 -13.57 -21.68
CA VAL D 112 21.30 -13.96 -22.89
C VAL D 112 22.13 -14.96 -23.68
N ALA D 113 21.46 -16.02 -24.18
CA ALA D 113 22.01 -16.95 -25.16
C ALA D 113 20.98 -17.17 -26.25
N ALA D 114 21.44 -17.46 -27.43
CA ALA D 114 20.50 -17.68 -28.52
C ALA D 114 20.28 -19.17 -28.77
N PRO D 115 19.12 -19.59 -29.26
CA PRO D 115 18.87 -21.01 -29.48
C PRO D 115 19.75 -21.59 -30.58
N SER D 116 20.16 -22.84 -30.39
CA SER D 116 20.81 -23.59 -31.48
C SER D 116 19.78 -24.50 -32.11
N VAL D 117 19.75 -24.54 -33.44
CA VAL D 117 18.68 -25.20 -34.18
C VAL D 117 19.18 -26.49 -34.80
N PHE D 118 18.35 -27.53 -34.72
CA PHE D 118 18.60 -28.80 -35.40
C PHE D 118 17.32 -29.29 -36.07
N ILE D 119 17.48 -30.06 -37.13
CA ILE D 119 16.37 -30.66 -37.86
C ILE D 119 16.67 -32.14 -38.07
N PHE D 120 15.61 -32.94 -38.19
CA PHE D 120 15.66 -34.38 -38.42
C PHE D 120 14.60 -34.76 -39.44
N PRO D 121 14.89 -35.71 -40.33
CA PRO D 121 13.88 -36.19 -41.27
C PRO D 121 13.18 -37.44 -40.73
N PRO D 122 12.01 -37.78 -41.26
CA PRO D 122 11.33 -39.00 -40.81
C PRO D 122 12.13 -40.25 -41.17
N SER D 123 12.07 -41.23 -40.28
CA SER D 123 12.83 -42.46 -40.44
C SER D 123 12.02 -43.50 -41.21
N ASP D 124 12.73 -44.45 -41.81
CA ASP D 124 12.10 -45.44 -42.68
C ASP D 124 11.21 -46.41 -41.91
N SER D 125 11.51 -46.66 -40.63
CA SER D 125 10.64 -47.50 -39.82
C SER D 125 9.26 -46.89 -39.67
N GLN D 126 9.20 -45.57 -39.49
CA GLN D 126 7.92 -44.89 -39.50
C GLN D 126 7.34 -44.76 -40.90
N LEU D 127 8.19 -44.70 -41.92
CA LEU D 127 7.71 -44.56 -43.29
C LEU D 127 6.90 -45.77 -43.74
N LYS D 128 7.33 -46.97 -43.35
CA LYS D 128 6.56 -48.16 -43.69
C LYS D 128 5.30 -48.29 -42.85
N SER D 129 5.24 -47.60 -41.71
CA SER D 129 4.05 -47.70 -40.87
C SER D 129 2.87 -46.96 -41.49
N GLY D 130 3.09 -45.76 -42.01
CA GLY D 130 2.03 -45.05 -42.70
C GLY D 130 1.77 -43.64 -42.21
N THR D 131 2.69 -43.09 -41.41
CA THR D 131 2.62 -41.70 -40.97
C THR D 131 3.97 -41.04 -41.17
N ALA D 132 3.96 -39.70 -41.19
CA ALA D 132 5.17 -38.91 -41.33
C ALA D 132 5.22 -37.87 -40.22
N SER D 133 6.42 -37.66 -39.68
CA SER D 133 6.60 -36.69 -38.60
C SER D 133 8.00 -36.11 -38.65
N VAL D 134 8.09 -34.81 -38.92
CA VAL D 134 9.36 -34.09 -38.92
C VAL D 134 9.45 -33.32 -37.62
N VAL D 135 10.68 -33.05 -37.16
CA VAL D 135 10.89 -32.39 -35.88
C VAL D 135 11.86 -31.23 -36.06
N CYS D 136 11.87 -30.33 -35.08
CA CYS D 136 12.85 -29.25 -34.99
C CYS D 136 13.18 -29.05 -33.52
N LEU D 137 14.47 -28.93 -33.23
CA LEU D 137 14.94 -28.81 -31.86
C LEU D 137 15.63 -27.46 -31.66
N LEU D 138 15.23 -26.75 -30.60
CA LEU D 138 15.90 -25.56 -30.11
C LEU D 138 16.60 -25.88 -28.81
N ASN D 139 17.88 -25.59 -28.73
CA ASN D 139 18.69 -26.01 -27.62
C ASN D 139 19.24 -24.79 -26.88
N ASN D 140 19.10 -24.79 -25.55
CA ASN D 140 19.90 -23.96 -24.64
C ASN D 140 19.75 -22.47 -24.91
N PHE D 141 18.54 -21.95 -24.70
CA PHE D 141 18.26 -20.56 -24.98
C PHE D 141 17.63 -19.85 -23.79
N TYR D 142 17.91 -18.55 -23.69
CA TYR D 142 17.37 -17.64 -22.69
C TYR D 142 17.23 -16.28 -23.37
N PRO D 143 16.13 -15.53 -23.15
CA PRO D 143 14.93 -15.76 -22.32
C PRO D 143 14.01 -16.89 -22.73
N ARG D 144 12.84 -16.99 -22.11
CA ARG D 144 11.95 -18.08 -22.40
C ARG D 144 11.34 -17.95 -23.79
N GLU D 145 11.07 -16.72 -24.21
CA GLU D 145 10.29 -16.49 -25.43
C GLU D 145 11.10 -16.83 -26.68
N ALA D 146 10.47 -17.54 -27.59
CA ALA D 146 11.06 -17.88 -28.87
C ALA D 146 9.92 -18.08 -29.85
N LYS D 147 10.24 -18.02 -31.14
CA LYS D 147 9.25 -18.27 -32.17
C LYS D 147 9.81 -19.25 -33.21
N VAL D 148 9.01 -20.25 -33.55
CA VAL D 148 9.37 -21.26 -34.56
C VAL D 148 8.32 -21.22 -35.66
N GLN D 149 8.77 -21.22 -36.90
CA GLN D 149 7.91 -21.33 -38.07
C GLN D 149 8.31 -22.58 -38.85
N TRP D 150 7.31 -23.31 -39.32
CA TRP D 150 7.51 -24.44 -40.22
C TRP D 150 6.96 -24.03 -41.58
N LYS D 151 7.75 -24.17 -42.63
CA LYS D 151 7.25 -23.81 -43.95
C LYS D 151 7.60 -24.87 -44.97
N VAL D 152 6.72 -24.97 -45.97
CA VAL D 152 6.83 -25.91 -47.07
C VAL D 152 6.62 -25.14 -48.36
N ASP D 153 7.56 -25.31 -49.32
CA ASP D 153 7.51 -24.81 -50.70
C ASP D 153 6.82 -23.45 -50.84
N ASN D 154 7.30 -22.49 -50.03
CA ASN D 154 6.80 -21.12 -50.01
C ASN D 154 5.31 -21.06 -49.66
N ALA D 155 4.94 -21.76 -48.60
CA ALA D 155 3.57 -21.75 -48.10
C ALA D 155 3.59 -22.03 -46.60
N LEU D 156 3.07 -21.11 -45.81
CA LEU D 156 3.04 -21.30 -44.37
C LEU D 156 2.09 -22.42 -44.00
N GLN D 157 2.49 -23.20 -42.99
CA GLN D 157 1.72 -24.35 -42.53
C GLN D 157 1.09 -24.04 -41.18
N SER D 158 -0.21 -24.26 -41.07
CA SER D 158 -0.94 -24.06 -39.82
C SER D 158 -1.83 -25.25 -39.53
N GLY D 159 -1.30 -26.45 -39.76
CA GLY D 159 -2.07 -27.67 -39.56
C GLY D 159 -1.71 -28.40 -38.28
N ASN D 160 -0.93 -29.47 -38.39
CA ASN D 160 -0.52 -30.29 -37.25
C ASN D 160 0.85 -29.82 -36.82
N SER D 161 0.91 -29.07 -35.72
CA SER D 161 2.17 -28.61 -35.15
C SER D 161 2.04 -28.59 -33.64
N GLN D 162 2.79 -29.43 -32.96
CA GLN D 162 2.77 -29.44 -31.50
C GLN D 162 4.17 -29.20 -30.97
N GLU D 163 4.26 -28.84 -29.69
CA GLU D 163 5.43 -28.17 -29.16
C GLU D 163 5.53 -28.40 -27.66
N SER D 164 6.75 -28.56 -27.16
CA SER D 164 6.98 -28.85 -25.75
C SER D 164 8.23 -28.17 -25.26
N VAL D 165 8.23 -27.81 -23.97
CA VAL D 165 9.32 -27.07 -23.32
C VAL D 165 9.70 -27.80 -22.04
N THR D 166 11.00 -27.94 -21.79
CA THR D 166 11.44 -28.47 -20.50
C THR D 166 11.43 -27.37 -19.45
N GLU D 167 11.89 -27.71 -18.25
CA GLU D 167 12.03 -26.76 -17.16
C GLU D 167 13.46 -26.28 -17.07
N GLN D 168 13.66 -25.25 -16.25
CA GLN D 168 14.98 -24.63 -16.16
C GLN D 168 16.00 -25.63 -15.62
N ASP D 169 17.13 -25.73 -16.31
CA ASP D 169 18.13 -26.69 -15.94
C ASP D 169 18.69 -26.40 -14.56
N SER D 170 19.23 -27.43 -13.93
CA SER D 170 19.85 -27.24 -12.63
C SER D 170 21.18 -26.54 -12.74
N LYS D 171 21.87 -26.69 -13.87
CA LYS D 171 23.23 -26.17 -14.03
C LYS D 171 23.26 -24.81 -14.71
N ASP D 172 22.77 -24.73 -15.95
CA ASP D 172 22.90 -23.53 -16.75
C ASP D 172 21.61 -22.73 -16.88
N SER D 173 20.52 -23.18 -16.27
CA SER D 173 19.29 -22.39 -16.14
C SER D 173 18.74 -21.94 -17.48
N THR D 174 18.80 -22.82 -18.47
CA THR D 174 18.28 -22.53 -19.81
C THR D 174 17.04 -23.36 -20.10
N TYR D 175 16.58 -23.26 -21.35
CA TYR D 175 15.39 -23.96 -21.81
C TYR D 175 15.75 -24.77 -23.06
N SER D 176 14.98 -25.82 -23.27
CA SER D 176 15.01 -26.55 -24.52
C SER D 176 13.59 -26.62 -25.04
N LEU D 177 13.45 -26.83 -26.34
CA LEU D 177 12.13 -26.73 -26.94
C LEU D 177 12.08 -27.63 -28.17
N SER D 178 11.00 -28.39 -28.32
CA SER D 178 10.83 -29.25 -29.48
C SER D 178 9.52 -28.96 -30.17
N SER D 179 9.57 -28.83 -31.49
CA SER D 179 8.36 -28.68 -32.29
C SER D 179 8.29 -29.82 -33.28
N THR D 180 7.23 -30.61 -33.20
CA THR D 180 7.02 -31.76 -34.07
C THR D 180 5.82 -31.47 -34.97
N LEU D 181 5.98 -31.74 -36.26
CA LEU D 181 4.95 -31.54 -37.28
C LEU D 181 4.64 -32.89 -37.92
N THR D 182 3.38 -33.30 -37.88
CA THR D 182 2.96 -34.60 -38.37
C THR D 182 2.02 -34.46 -39.56
N LEU D 183 2.24 -35.30 -40.58
CA LEU D 183 1.43 -35.31 -41.78
C LEU D 183 1.34 -36.74 -42.31
N SER D 184 0.38 -36.95 -43.22
CA SER D 184 0.22 -38.24 -43.86
C SER D 184 1.04 -38.33 -45.15
N LYS D 185 1.09 -39.54 -45.72
CA LYS D 185 1.87 -39.76 -46.93
C LYS D 185 1.24 -39.11 -48.16
N ALA D 186 -0.04 -38.74 -48.08
CA ALA D 186 -0.67 -38.02 -49.18
C ALA D 186 -0.03 -36.65 -49.38
N ASP D 187 0.31 -35.98 -48.28
CA ASP D 187 0.91 -34.66 -48.34
C ASP D 187 2.43 -34.68 -48.22
N TYR D 188 3.00 -35.73 -47.63
CA TYR D 188 4.44 -35.78 -47.44
C TYR D 188 5.19 -36.00 -48.75
N GLU D 189 4.62 -36.80 -49.65
CA GLU D 189 5.27 -37.11 -50.91
C GLU D 189 4.91 -36.14 -52.03
N LYS D 190 3.98 -35.23 -51.79
CA LYS D 190 3.59 -34.26 -52.81
C LYS D 190 4.36 -32.95 -52.71
N HIS D 191 5.27 -32.83 -51.75
CA HIS D 191 6.05 -31.62 -51.57
C HIS D 191 7.51 -31.97 -51.40
N LYS D 192 8.37 -30.98 -51.63
CA LYS D 192 9.79 -31.22 -51.88
C LYS D 192 10.70 -30.76 -50.75
N VAL D 193 10.59 -29.51 -50.31
CA VAL D 193 11.52 -28.93 -49.35
C VAL D 193 10.77 -28.53 -48.08
N TYR D 194 11.40 -28.75 -46.92
CA TYR D 194 10.81 -28.41 -45.64
C TYR D 194 11.81 -27.59 -44.84
N ALA D 195 11.33 -26.52 -44.20
CA ALA D 195 12.22 -25.57 -43.55
C ALA D 195 11.71 -25.16 -42.17
N CYS D 196 12.65 -24.98 -41.26
CA CYS D 196 12.44 -24.50 -39.89
C CYS D 196 13.06 -23.11 -39.76
N GLU D 197 12.30 -22.16 -39.23
CA GLU D 197 12.70 -20.77 -39.07
C GLU D 197 12.61 -20.39 -37.60
N VAL D 198 13.67 -19.86 -37.02
CA VAL D 198 13.73 -19.63 -35.58
C VAL D 198 14.09 -18.18 -35.32
N THR D 199 13.30 -17.50 -34.47
CA THR D 199 13.59 -16.14 -34.04
C THR D 199 13.59 -16.03 -32.52
N HIS D 200 14.40 -15.10 -32.03
CA HIS D 200 14.67 -14.92 -30.61
C HIS D 200 15.06 -13.46 -30.39
N GLN D 201 14.98 -13.02 -29.13
CA GLN D 201 15.46 -11.69 -28.75
C GLN D 201 16.96 -11.53 -29.01
N GLY D 202 17.75 -12.58 -28.76
CA GLY D 202 19.18 -12.47 -28.91
C GLY D 202 19.69 -12.91 -30.25
N LEU D 203 19.01 -12.48 -31.31
CA LEU D 203 19.27 -12.98 -32.66
C LEU D 203 18.93 -11.84 -33.62
N SER D 204 19.95 -11.31 -34.30
CA SER D 204 19.72 -10.16 -35.16
C SER D 204 18.84 -10.50 -36.35
N SER D 205 19.03 -11.67 -36.94
CA SER D 205 18.23 -12.14 -38.05
C SER D 205 17.80 -13.58 -37.80
N PRO D 206 16.63 -13.98 -38.31
CA PRO D 206 16.15 -15.36 -38.08
C PRO D 206 17.10 -16.42 -38.63
N VAL D 207 17.22 -17.52 -37.89
CA VAL D 207 18.09 -18.64 -38.25
C VAL D 207 17.24 -19.72 -38.89
N THR D 208 17.62 -20.17 -40.09
CA THR D 208 16.83 -21.16 -40.79
C THR D 208 17.65 -22.43 -41.05
N LYS D 209 16.95 -23.56 -41.03
CA LYS D 209 17.51 -24.84 -41.40
C LYS D 209 16.51 -25.56 -42.29
N SER D 210 17.01 -26.46 -43.14
CA SER D 210 16.11 -27.05 -44.12
C SER D 210 16.57 -28.43 -44.51
N PHE D 211 15.64 -29.19 -45.10
CA PHE D 211 16.00 -30.43 -45.79
C PHE D 211 15.16 -30.56 -47.05
N ASN D 212 15.78 -31.14 -48.07
CA ASN D 212 15.16 -31.41 -49.36
C ASN D 212 14.93 -32.90 -49.47
N ARG D 213 13.69 -33.28 -49.79
CA ARG D 213 13.34 -34.70 -49.88
C ARG D 213 13.90 -35.33 -51.15
#